data_1QGA
#
_entry.id   1QGA
#
_cell.length_a   50.400
_cell.length_b   110.300
_cell.length_c   80.600
_cell.angle_alpha   90.00
_cell.angle_beta   93.80
_cell.angle_gamma   90.00
#
_symmetry.space_group_name_H-M   'P 1 21 1'
#
loop_
_entity.id
_entity.type
_entity.pdbx_description
1 polymer 'PROTEIN (FERREDOXIN:NADP+ REDUCTASE)'
2 non-polymer 'SULFATE ION'
3 non-polymer 'FLAVIN-ADENINE DINUCLEOTIDE'
4 non-polymer 'NADP NICOTINAMIDE-ADENINE-DINUCLEOTIDE PHOSPHATE'
5 water water
#
_entity_poly.entity_id   1
_entity_poly.type   'polypeptide(L)'
_entity_poly.pdbx_seq_one_letter_code
;QVTTEAPAKVVKHSKKQDENIVVNKFKPKEPYVGRCLLNTKITGDDAPGETWHMVFSTEGEVPYREGQSIGIVPDGIDKN
GKPHKLRLYSIASSAIGDFGDSKTVSLCVKRLVYTNDAGEVVKGVCSNFLCDLKPGSEVKITGPVGKEMLMPKDPNATVI
MLGTGTGIAPFRSFLWKMFFEKHEDYQFNGLAWLFLGVPTSSSLLYKEEFEKMKEKAPENFRLDFAVSREQVNDKGEKMY
IQTRMAQYAEELWELLKKDNTFVYMCGLKGMEKGIDDIMVSLAAKDGIDWIEYKRTLKKAEQWNVEVW
;
_entity_poly.pdbx_strand_id   A,B
#
loop_
_chem_comp.id
_chem_comp.type
_chem_comp.name
_chem_comp.formula
FAD non-polymer 'FLAVIN-ADENINE DINUCLEOTIDE' 'C27 H33 N9 O15 P2'
NAP non-polymer 'NADP NICOTINAMIDE-ADENINE-DINUCLEOTIDE PHOSPHATE' 'C21 H28 N7 O17 P3'
SO4 non-polymer 'SULFATE ION' 'O4 S -2'
#
# COMPACT_ATOMS: atom_id res chain seq x y z
N GLN A 1 -23.88 20.24 -47.45
CA GLN A 1 -23.04 21.10 -46.56
C GLN A 1 -23.61 21.08 -45.12
N VAL A 2 -23.07 20.18 -44.31
CA VAL A 2 -23.56 19.97 -42.96
C VAL A 2 -22.62 20.36 -41.81
N THR A 3 -21.44 20.80 -42.19
CA THR A 3 -20.42 21.16 -41.22
C THR A 3 -19.87 22.58 -41.39
N THR A 4 -19.33 23.09 -40.30
CA THR A 4 -18.64 24.39 -40.29
C THR A 4 -17.58 24.36 -39.13
N GLU A 5 -16.50 25.13 -39.30
CA GLU A 5 -15.44 25.23 -38.27
C GLU A 5 -15.66 26.59 -37.57
N ALA A 6 -16.50 26.54 -36.52
CA ALA A 6 -16.80 27.69 -35.66
C ALA A 6 -15.49 28.32 -35.23
N PRO A 7 -15.38 29.65 -35.42
CA PRO A 7 -14.16 30.36 -35.04
C PRO A 7 -13.77 30.06 -33.62
N ALA A 8 -12.49 29.82 -33.49
CA ALA A 8 -11.87 29.53 -32.20
C ALA A 8 -11.79 30.65 -31.16
N LYS A 9 -12.14 30.36 -29.92
CA LYS A 9 -11.97 31.37 -28.89
C LYS A 9 -10.42 31.59 -28.75
N VAL A 10 -10.00 32.82 -28.52
CA VAL A 10 -8.59 33.13 -28.35
C VAL A 10 -8.19 32.52 -27.01
N VAL A 11 -7.04 31.84 -27.02
CA VAL A 11 -6.55 31.16 -25.83
C VAL A 11 -5.00 31.18 -25.52
N LYS A 12 -4.77 31.42 -24.24
CA LYS A 12 -3.40 31.41 -23.75
C LYS A 12 -2.75 30.01 -23.83
N HIS A 13 -1.56 30.09 -24.34
CA HIS A 13 -0.68 28.90 -24.44
C HIS A 13 -0.20 28.36 -23.06
N SER A 14 -0.27 27.07 -22.81
CA SER A 14 0.19 26.57 -21.54
C SER A 14 1.17 25.40 -21.49
N LYS A 15 2.25 25.60 -20.74
CA LYS A 15 3.31 24.59 -20.57
C LYS A 15 3.00 23.48 -19.51
N LYS A 16 1.92 23.64 -18.72
CA LYS A 16 1.55 22.70 -17.64
C LYS A 16 0.56 21.66 -18.10
N GLN A 17 0.59 20.49 -17.47
CA GLN A 17 -0.29 19.36 -17.80
C GLN A 17 -1.76 19.57 -17.45
N ASP A 18 -2.45 20.43 -18.20
CA ASP A 18 -3.86 20.75 -17.95
C ASP A 18 -4.81 20.14 -18.97
N GLU A 19 -4.27 19.27 -19.79
CA GLU A 19 -5.10 18.69 -20.82
C GLU A 19 -6.19 17.84 -20.18
N ASN A 20 -7.44 18.27 -20.34
CA ASN A 20 -8.65 17.60 -19.83
C ASN A 20 -8.76 17.62 -18.31
N ILE A 21 -8.24 18.70 -17.73
CA ILE A 21 -8.22 18.89 -16.29
C ILE A 21 -9.62 19.01 -15.70
N VAL A 22 -9.80 18.53 -14.47
CA VAL A 22 -11.09 18.59 -13.79
C VAL A 22 -11.05 19.30 -12.44
N VAL A 23 -11.89 20.31 -12.31
CA VAL A 23 -12.03 21.03 -11.07
C VAL A 23 -13.53 21.16 -10.72
N ASN A 24 -13.80 21.24 -9.42
CA ASN A 24 -15.12 21.42 -8.84
C ASN A 24 -16.22 20.45 -9.28
N LYS A 25 -15.89 19.17 -9.35
CA LYS A 25 -16.84 18.15 -9.72
C LYS A 25 -17.84 18.01 -8.58
N PHE A 26 -17.33 17.89 -7.34
CA PHE A 26 -18.19 17.74 -6.16
C PHE A 26 -18.22 19.01 -5.34
N LYS A 27 -19.43 19.46 -4.96
CA LYS A 27 -19.57 20.69 -4.20
C LYS A 27 -19.88 20.35 -2.78
N PRO A 28 -19.69 21.30 -1.87
CA PRO A 28 -19.98 20.94 -0.48
C PRO A 28 -21.40 20.54 -0.23
N LYS A 29 -22.30 21.02 -1.09
CA LYS A 29 -23.74 20.77 -1.06
C LYS A 29 -24.01 19.28 -1.10
N GLU A 30 -23.29 18.61 -1.99
CA GLU A 30 -23.39 17.18 -2.18
C GLU A 30 -22.00 16.65 -2.48
N PRO A 31 -21.19 16.49 -1.43
CA PRO A 31 -19.83 15.98 -1.55
C PRO A 31 -19.81 14.47 -1.84
N TYR A 32 -18.73 13.98 -2.45
CA TYR A 32 -18.50 12.56 -2.71
C TYR A 32 -18.16 11.95 -1.34
N VAL A 33 -18.76 10.82 -1.00
CA VAL A 33 -18.48 10.22 0.31
C VAL A 33 -17.53 9.03 0.13
N GLY A 34 -16.31 9.13 0.64
CA GLY A 34 -15.37 8.04 0.49
C GLY A 34 -15.21 7.46 1.88
N ARG A 35 -14.28 6.51 2.03
CA ARG A 35 -13.97 5.86 3.33
C ARG A 35 -12.46 5.84 3.62
N CYS A 36 -12.10 5.71 4.90
CA CYS A 36 -10.70 5.71 5.31
C CYS A 36 -10.20 4.30 5.29
N LEU A 37 -9.12 4.09 4.53
CA LEU A 37 -8.45 2.78 4.40
C LEU A 37 -7.34 2.67 5.42
N LEU A 38 -6.60 3.77 5.65
CA LEU A 38 -5.52 3.77 6.66
C LEU A 38 -5.26 5.21 7.13
N ASN A 39 -4.69 5.38 8.31
CA ASN A 39 -4.42 6.71 8.80
C ASN A 39 -3.24 6.52 9.72
N THR A 40 -2.05 7.01 9.38
CA THR A 40 -0.85 6.79 10.22
C THR A 40 -0.07 8.04 10.58
N LYS A 41 0.41 8.12 11.80
CA LYS A 41 1.19 9.26 12.12
C LYS A 41 2.58 9.03 11.51
N ILE A 42 3.06 10.00 10.73
CA ILE A 42 4.37 9.90 10.08
C ILE A 42 5.54 10.68 10.74
N THR A 43 5.25 11.38 11.84
CA THR A 43 6.22 12.14 12.60
C THR A 43 6.55 11.38 13.92
N GLY A 44 7.74 11.60 14.47
CA GLY A 44 8.10 10.95 15.70
C GLY A 44 7.33 11.53 16.86
N ASP A 45 7.15 10.70 17.90
CA ASP A 45 6.40 11.08 19.13
C ASP A 45 6.99 12.32 19.76
N ASP A 46 8.24 12.53 19.40
CA ASP A 46 9.07 13.62 19.87
C ASP A 46 8.84 14.94 19.15
N ALA A 47 8.43 14.91 17.88
CA ALA A 47 8.22 16.15 17.13
C ALA A 47 7.33 17.19 17.86
N PRO A 48 7.53 18.47 17.55
CA PRO A 48 6.70 19.46 18.22
C PRO A 48 5.21 19.21 17.95
N GLY A 49 4.88 18.80 16.73
CA GLY A 49 3.48 18.53 16.39
C GLY A 49 3.28 17.19 15.71
N GLU A 50 2.03 16.84 15.42
CA GLU A 50 1.71 15.60 14.72
C GLU A 50 1.25 15.85 13.28
N THR A 51 1.82 15.09 12.34
CA THR A 51 1.42 15.12 10.92
C THR A 51 1.05 13.67 10.61
N TRP A 52 -0.08 13.47 9.95
CA TRP A 52 -0.60 12.14 9.63
C TRP A 52 -0.80 11.99 8.15
N HIS A 53 -0.55 10.78 7.64
CA HIS A 53 -0.77 10.43 6.24
C HIS A 53 -2.03 9.54 6.21
N MET A 54 -2.99 9.87 5.35
CA MET A 54 -4.23 9.09 5.32
C MET A 54 -4.67 8.88 3.89
N VAL A 55 -5.28 7.72 3.65
CA VAL A 55 -5.71 7.34 2.32
C VAL A 55 -7.21 7.06 2.32
N PHE A 56 -7.94 7.61 1.35
CA PHE A 56 -9.38 7.38 1.29
C PHE A 56 -9.76 6.69 -0.05
N SER A 57 -10.79 5.85 -0.01
CA SER A 57 -11.25 5.21 -1.25
C SER A 57 -12.09 6.21 -2.05
N THR A 58 -11.94 6.22 -3.36
CA THR A 58 -12.74 7.13 -4.16
C THR A 58 -13.48 6.39 -5.28
N GLU A 59 -13.19 5.09 -5.42
CA GLU A 59 -13.76 4.24 -6.48
C GLU A 59 -13.65 4.90 -7.88
N GLY A 60 -12.64 5.72 -8.07
CA GLY A 60 -12.41 6.36 -9.35
C GLY A 60 -13.23 7.60 -9.63
N GLU A 61 -14.14 7.92 -8.69
CA GLU A 61 -15.02 9.09 -8.81
C GLU A 61 -14.41 10.47 -8.85
N VAL A 62 -13.26 10.66 -8.22
CA VAL A 62 -12.58 11.96 -8.16
C VAL A 62 -11.39 12.00 -9.14
N PRO A 63 -11.60 12.62 -10.31
CA PRO A 63 -10.63 12.77 -11.39
C PRO A 63 -9.49 13.79 -11.15
N TYR A 64 -8.73 13.60 -10.08
CA TYR A 64 -7.67 14.57 -9.77
C TYR A 64 -6.31 14.25 -10.44
N ARG A 65 -5.47 15.25 -10.60
CA ARG A 65 -4.14 15.01 -11.15
C ARG A 65 -3.13 15.68 -10.18
N GLU A 66 -1.87 15.33 -10.28
CA GLU A 66 -0.81 15.91 -9.46
C GLU A 66 -0.90 17.43 -9.33
N GLY A 67 -0.76 17.94 -8.10
CA GLY A 67 -0.82 19.37 -7.81
C GLY A 67 -2.19 19.97 -7.43
N GLN A 68 -3.25 19.17 -7.48
CA GLN A 68 -4.57 19.71 -7.15
C GLN A 68 -4.82 19.43 -5.66
N SER A 69 -5.91 20.01 -5.13
CA SER A 69 -6.41 19.87 -3.74
C SER A 69 -7.81 19.31 -3.72
N ILE A 70 -8.20 18.76 -2.59
CA ILE A 70 -9.58 18.33 -2.41
C ILE A 70 -10.03 18.98 -1.14
N GLY A 71 -11.31 19.32 -1.09
CA GLY A 71 -11.83 19.88 0.12
C GLY A 71 -12.37 18.79 1.03
N ILE A 72 -12.41 19.07 2.32
CA ILE A 72 -13.00 18.15 3.26
C ILE A 72 -14.06 18.87 4.15
N VAL A 73 -15.25 18.26 4.25
CA VAL A 73 -16.32 18.81 5.08
C VAL A 73 -16.32 17.89 6.30
N PRO A 74 -15.66 18.33 7.39
CA PRO A 74 -15.54 17.57 8.65
C PRO A 74 -16.88 17.35 9.30
N ASP A 75 -17.08 16.18 9.90
CA ASP A 75 -18.34 15.84 10.57
C ASP A 75 -18.59 16.75 11.79
N GLY A 76 -19.86 16.87 12.16
CA GLY A 76 -20.26 17.73 13.26
C GLY A 76 -20.86 19.09 12.91
N ILE A 77 -20.95 19.93 13.92
CA ILE A 77 -21.55 21.23 13.78
C ILE A 77 -20.78 22.28 14.53
N ASP A 78 -20.93 23.53 14.10
CA ASP A 78 -20.27 24.61 14.80
C ASP A 78 -21.08 25.09 16.04
N LYS A 79 -20.60 26.13 16.71
CA LYS A 79 -21.21 26.66 17.92
C LYS A 79 -22.64 27.12 17.69
N ASN A 80 -22.97 27.38 16.42
CA ASN A 80 -24.32 27.81 16.00
C ASN A 80 -25.23 26.71 15.47
N GLY A 81 -24.82 25.46 15.65
CA GLY A 81 -25.58 24.31 15.20
C GLY A 81 -25.50 24.09 13.69
N LYS A 82 -24.60 24.81 13.02
CA LYS A 82 -24.39 24.69 11.57
C LYS A 82 -23.25 23.76 11.15
N PRO A 83 -23.45 22.97 10.09
CA PRO A 83 -22.45 22.04 9.55
C PRO A 83 -21.21 22.86 9.21
N HIS A 84 -20.04 22.23 9.23
CA HIS A 84 -18.76 22.91 8.95
C HIS A 84 -18.51 23.19 7.46
N LYS A 85 -17.84 24.31 7.18
CA LYS A 85 -17.42 24.74 5.85
C LYS A 85 -16.18 23.85 5.54
N LEU A 86 -15.98 23.53 4.27
CA LEU A 86 -14.86 22.70 3.83
C LEU A 86 -13.53 23.37 4.04
N ARG A 87 -12.50 22.56 4.23
CA ARG A 87 -11.12 23.04 4.34
C ARG A 87 -10.42 22.32 3.18
N LEU A 88 -9.47 23.00 2.56
CA LEU A 88 -8.74 22.42 1.46
C LEU A 88 -7.46 21.77 1.91
N TYR A 89 -7.10 20.68 1.22
CA TYR A 89 -5.86 19.92 1.48
C TYR A 89 -5.21 19.50 0.18
N SER A 90 -3.91 19.80 0.00
CA SER A 90 -3.19 19.40 -1.20
C SER A 90 -3.10 17.89 -1.23
N ILE A 91 -3.34 17.31 -2.40
CA ILE A 91 -3.29 15.89 -2.56
C ILE A 91 -1.83 15.43 -2.48
N ALA A 92 -1.58 14.48 -1.60
CA ALA A 92 -0.25 13.98 -1.35
C ALA A 92 0.08 12.75 -2.18
N SER A 93 -0.91 12.23 -2.89
CA SER A 93 -0.77 11.03 -3.71
C SER A 93 -0.73 11.39 -5.22
N SER A 94 -0.11 10.54 -6.05
CA SER A 94 -0.11 10.82 -7.48
C SER A 94 -1.55 10.50 -7.99
N ALA A 95 -1.88 10.92 -9.21
CA ALA A 95 -3.17 10.63 -9.82
C ALA A 95 -3.53 9.13 -9.75
N ILE A 96 -2.59 8.19 -9.95
CA ILE A 96 -2.93 6.77 -9.86
C ILE A 96 -3.01 6.36 -8.39
N GLY A 97 -2.49 7.23 -7.51
CA GLY A 97 -2.62 7.01 -6.07
C GLY A 97 -1.78 5.95 -5.44
N ASP A 98 -1.90 5.78 -4.11
CA ASP A 98 -1.11 4.84 -3.29
C ASP A 98 -1.33 3.34 -3.50
N PHE A 99 -2.43 2.98 -4.20
CA PHE A 99 -2.72 1.58 -4.50
C PHE A 99 -2.51 1.25 -6.01
N GLY A 100 -2.13 2.26 -6.80
CA GLY A 100 -1.86 2.09 -8.22
C GLY A 100 -3.05 1.84 -9.10
N ASP A 101 -4.23 1.98 -8.56
CA ASP A 101 -5.46 1.72 -9.29
C ASP A 101 -6.28 2.90 -9.68
N SER A 102 -5.84 4.11 -9.39
CA SER A 102 -6.62 5.32 -9.72
C SER A 102 -7.99 5.46 -8.99
N LYS A 103 -8.11 4.77 -7.85
CA LYS A 103 -9.32 4.74 -7.00
C LYS A 103 -9.19 5.22 -5.53
N THR A 104 -8.10 5.89 -5.21
CA THR A 104 -7.88 6.44 -3.86
C THR A 104 -7.25 7.82 -3.91
N VAL A 105 -7.19 8.47 -2.76
CA VAL A 105 -6.58 9.78 -2.64
C VAL A 105 -6.00 9.87 -1.26
N SER A 106 -4.81 10.47 -1.17
CA SER A 106 -4.07 10.65 0.08
C SER A 106 -3.85 12.10 0.48
N LEU A 107 -3.84 12.33 1.81
CA LEU A 107 -3.60 13.63 2.37
C LEU A 107 -2.48 13.58 3.43
N CYS A 108 -1.86 14.73 3.67
CA CYS A 108 -0.78 14.87 4.62
C CYS A 108 -1.32 16.01 5.45
N VAL A 109 -1.77 15.66 6.66
CA VAL A 109 -2.47 16.60 7.56
C VAL A 109 -1.78 16.86 8.91
N LYS A 110 -1.42 18.13 9.15
CA LYS A 110 -0.85 18.56 10.44
C LYS A 110 -2.01 18.81 11.45
N ARG A 111 -1.98 18.14 12.59
CA ARG A 111 -3.02 18.36 13.61
C ARG A 111 -2.83 19.78 14.26
N LEU A 112 -3.76 20.71 13.99
CA LEU A 112 -3.68 22.08 14.55
C LEU A 112 -4.20 22.14 15.98
N VAL A 113 -3.27 22.47 16.88
CA VAL A 113 -3.52 22.61 18.30
C VAL A 113 -2.75 23.82 18.78
N TYR A 114 -3.46 24.71 19.47
CA TYR A 114 -2.88 25.94 20.00
C TYR A 114 -3.70 26.35 21.23
N THR A 115 -3.32 27.47 21.85
CA THR A 115 -4.05 28.05 22.99
C THR A 115 -4.29 29.55 22.74
N ASN A 116 -5.57 29.92 22.78
CA ASN A 116 -5.97 31.29 22.53
C ASN A 116 -5.48 32.20 23.64
N ASP A 117 -5.65 33.49 23.44
CA ASP A 117 -5.23 34.49 24.42
C ASP A 117 -5.77 34.17 25.83
N ALA A 118 -7.03 33.73 25.87
CA ALA A 118 -7.73 33.34 27.09
C ALA A 118 -7.03 32.20 27.83
N GLY A 119 -6.02 31.63 27.16
CA GLY A 119 -5.22 30.53 27.69
C GLY A 119 -5.80 29.15 27.49
N GLU A 120 -6.92 29.05 26.77
CA GLU A 120 -7.57 27.77 26.50
C GLU A 120 -6.95 27.03 25.29
N VAL A 121 -6.65 25.75 25.43
CA VAL A 121 -6.11 24.95 24.33
C VAL A 121 -7.22 24.73 23.29
N VAL A 122 -6.95 25.15 22.08
CA VAL A 122 -7.90 25.06 21.01
C VAL A 122 -7.47 24.05 19.97
N LYS A 123 -8.42 23.27 19.47
CA LYS A 123 -8.13 22.25 18.47
C LYS A 123 -8.74 22.62 17.11
N GLY A 124 -7.96 22.71 16.03
CA GLY A 124 -8.56 23.03 14.78
C GLY A 124 -9.61 21.97 14.48
N VAL A 125 -10.73 22.39 13.89
CA VAL A 125 -11.82 21.49 13.61
C VAL A 125 -11.53 20.37 12.62
N CYS A 126 -11.23 20.74 11.37
CA CYS A 126 -10.96 19.76 10.31
C CYS A 126 -9.70 18.90 10.48
N SER A 127 -8.61 19.52 10.92
CA SER A 127 -7.38 18.78 11.11
C SER A 127 -7.49 17.71 12.18
N ASN A 128 -8.17 18.01 13.28
CA ASN A 128 -8.35 17.00 14.32
C ASN A 128 -9.38 15.95 13.93
N PHE A 129 -10.39 16.31 13.12
CA PHE A 129 -11.38 15.33 12.65
C PHE A 129 -10.61 14.33 11.75
N LEU A 130 -9.82 14.86 10.81
CA LEU A 130 -9.06 14.01 9.90
C LEU A 130 -8.01 13.10 10.60
N CYS A 131 -7.20 13.64 11.52
CA CYS A 131 -6.20 12.84 12.20
C CYS A 131 -6.81 11.82 13.12
N ASP A 132 -8.06 12.01 13.47
CA ASP A 132 -8.75 11.10 14.36
C ASP A 132 -9.56 10.11 13.56
N LEU A 133 -9.66 10.25 12.24
CA LEU A 133 -10.41 9.29 11.42
C LEU A 133 -9.89 7.86 11.60
N LYS A 134 -10.82 6.92 11.80
CA LYS A 134 -10.50 5.51 11.95
C LYS A 134 -10.81 4.83 10.66
N PRO A 135 -9.95 3.86 10.27
CA PRO A 135 -10.19 3.10 9.01
C PRO A 135 -11.63 2.50 9.00
N GLY A 136 -12.37 2.69 7.91
CA GLY A 136 -13.74 2.26 7.90
C GLY A 136 -14.78 3.41 7.93
N SER A 137 -14.41 4.57 8.48
CA SER A 137 -15.32 5.71 8.61
C SER A 137 -15.40 6.51 7.33
N GLU A 138 -16.55 7.15 7.12
CA GLU A 138 -16.76 7.96 5.94
C GLU A 138 -16.13 9.32 6.12
N VAL A 139 -15.82 9.98 4.99
CA VAL A 139 -15.25 11.36 4.99
C VAL A 139 -15.87 12.04 3.76
N LYS A 140 -16.34 13.29 3.92
CA LYS A 140 -16.98 14.01 2.79
C LYS A 140 -15.97 14.77 1.99
N ILE A 141 -15.83 14.43 0.71
CA ILE A 141 -14.83 15.05 -0.17
C ILE A 141 -15.43 15.95 -1.27
N THR A 142 -14.80 17.11 -1.52
CA THR A 142 -15.23 18.03 -2.60
C THR A 142 -14.08 18.30 -3.59
N GLY A 143 -14.38 19.02 -4.67
CA GLY A 143 -13.39 19.28 -5.70
C GLY A 143 -13.40 18.28 -6.89
N PRO A 144 -12.24 18.02 -7.54
CA PRO A 144 -10.92 18.55 -7.28
C PRO A 144 -10.87 20.05 -7.39
N VAL A 145 -9.74 20.63 -7.02
CA VAL A 145 -9.61 22.07 -7.10
C VAL A 145 -8.14 22.38 -7.45
N GLY A 146 -7.95 23.48 -8.19
CA GLY A 146 -6.63 23.93 -8.52
C GLY A 146 -6.04 23.63 -9.87
N LYS A 147 -5.28 24.61 -10.38
CA LYS A 147 -4.58 24.50 -11.64
C LYS A 147 -3.21 25.15 -11.53
N GLU A 148 -2.95 25.83 -10.42
CA GLU A 148 -1.68 26.53 -10.20
C GLU A 148 -0.40 25.66 -10.03
N MET A 149 -0.56 24.48 -9.44
CA MET A 149 0.57 23.61 -9.19
C MET A 149 0.53 22.39 -10.06
N LEU A 150 0.02 22.53 -11.28
CA LEU A 150 -0.03 21.40 -12.22
C LEU A 150 1.40 21.22 -12.69
N MET A 151 1.82 19.98 -12.91
CA MET A 151 3.18 19.65 -13.40
C MET A 151 3.43 20.11 -14.84
N PRO A 152 4.67 20.48 -15.19
CA PRO A 152 4.93 20.92 -16.55
C PRO A 152 4.86 19.71 -17.51
N LYS A 153 4.29 19.94 -18.70
CA LYS A 153 4.16 18.90 -19.73
C LYS A 153 5.53 18.29 -20.14
N ASP A 154 6.52 19.14 -20.35
CA ASP A 154 7.90 18.77 -20.75
C ASP A 154 8.48 17.74 -19.79
N PRO A 155 8.64 16.46 -20.23
CA PRO A 155 9.21 15.45 -19.39
C PRO A 155 10.73 15.50 -19.13
N ASN A 156 11.40 16.51 -19.72
CA ASN A 156 12.83 16.77 -19.59
C ASN A 156 13.10 18.08 -18.92
N ALA A 157 12.06 18.70 -18.38
CA ALA A 157 12.20 19.95 -17.69
C ALA A 157 12.86 19.76 -16.32
N THR A 158 13.41 20.85 -15.78
CA THR A 158 13.96 20.82 -14.45
C THR A 158 12.80 21.37 -13.61
N VAL A 159 12.44 20.61 -12.57
CA VAL A 159 11.38 20.97 -11.63
C VAL A 159 12.03 21.13 -10.26
N ILE A 160 12.11 22.38 -9.80
CA ILE A 160 12.63 22.71 -8.48
C ILE A 160 11.40 22.86 -7.56
N MET A 161 11.43 22.11 -6.46
CA MET A 161 10.36 22.03 -5.48
C MET A 161 10.81 22.55 -4.13
N LEU A 162 10.11 23.58 -3.67
CA LEU A 162 10.42 24.26 -2.42
C LEU A 162 9.24 24.11 -1.45
N GLY A 163 9.35 23.33 -0.40
CA GLY A 163 8.21 23.21 0.45
C GLY A 163 8.58 23.28 1.89
N THR A 164 7.63 23.68 2.73
CA THR A 164 7.81 23.71 4.18
C THR A 164 6.69 22.90 4.82
N GLY A 165 7.03 22.04 5.78
CA GLY A 165 6.05 21.20 6.45
C GLY A 165 5.14 20.44 5.51
N THR A 166 3.82 20.54 5.70
CA THR A 166 2.81 19.85 4.85
C THR A 166 2.79 20.36 3.42
N GLY A 167 3.51 21.43 3.11
CA GLY A 167 3.58 21.91 1.75
C GLY A 167 4.33 20.90 0.89
N ILE A 168 4.87 19.85 1.50
CA ILE A 168 5.57 18.79 0.78
C ILE A 168 4.58 17.94 -0.02
N ALA A 169 3.31 17.90 0.43
CA ALA A 169 2.22 17.09 -0.18
C ALA A 169 2.13 17.07 -1.75
N PRO A 170 2.03 18.24 -2.43
CA PRO A 170 1.97 18.15 -3.87
C PRO A 170 3.32 17.70 -4.42
N PHE A 171 4.41 17.86 -3.68
CA PHE A 171 5.68 17.36 -4.20
C PHE A 171 5.80 15.83 -4.06
N ARG A 172 5.16 15.22 -3.06
CA ARG A 172 5.18 13.79 -2.95
C ARG A 172 4.35 13.23 -4.17
N SER A 173 3.32 13.96 -4.57
CA SER A 173 2.46 13.61 -5.69
C SER A 173 3.24 13.61 -7.04
N PHE A 174 3.95 14.70 -7.35
CA PHE A 174 4.79 14.87 -8.54
C PHE A 174 5.85 13.78 -8.66
N LEU A 175 6.59 13.56 -7.56
CA LEU A 175 7.69 12.59 -7.44
C LEU A 175 7.25 11.16 -7.56
N TRP A 176 6.11 10.77 -7.00
CA TRP A 176 5.65 9.40 -7.21
C TRP A 176 5.47 9.20 -8.75
N LYS A 177 4.81 10.15 -9.43
CA LYS A 177 4.62 10.08 -10.87
C LYS A 177 5.97 10.07 -11.65
N MET A 178 6.94 10.86 -11.18
CA MET A 178 8.26 10.91 -11.82
C MET A 178 9.18 9.68 -11.53
N PHE A 179 9.19 9.17 -10.31
CA PHE A 179 10.13 8.11 -9.94
C PHE A 179 9.60 6.80 -9.47
N PHE A 180 8.32 6.72 -9.11
CA PHE A 180 7.70 5.46 -8.63
C PHE A 180 6.76 4.83 -9.69
N GLU A 181 6.56 5.51 -10.82
CA GLU A 181 5.66 5.04 -11.86
C GLU A 181 6.20 5.12 -13.31
N LYS A 182 5.86 4.10 -14.07
CA LYS A 182 6.26 3.98 -15.44
C LYS A 182 5.09 4.42 -16.28
N HIS A 183 5.14 5.62 -16.83
CA HIS A 183 4.02 6.08 -17.66
C HIS A 183 4.44 6.11 -19.09
N GLU A 184 3.65 5.46 -19.92
CA GLU A 184 3.89 5.36 -21.34
C GLU A 184 4.03 6.75 -22.02
N ASP A 185 3.08 7.65 -21.70
CA ASP A 185 3.05 9.02 -22.24
C ASP A 185 3.88 10.04 -21.43
N TYR A 186 4.41 9.60 -20.29
CA TYR A 186 5.26 10.47 -19.45
C TYR A 186 6.35 9.72 -18.69
N GLN A 187 7.57 9.79 -19.22
CA GLN A 187 8.68 9.21 -18.51
C GLN A 187 9.57 10.41 -18.21
N PHE A 188 9.76 10.67 -16.93
CA PHE A 188 10.53 11.83 -16.59
C PHE A 188 12.03 11.66 -16.74
N ASN A 189 12.67 12.66 -17.36
CA ASN A 189 14.11 12.63 -17.51
C ASN A 189 14.82 13.95 -17.32
N GLY A 190 14.15 14.94 -16.73
CA GLY A 190 14.81 16.20 -16.49
C GLY A 190 15.46 16.06 -15.13
N LEU A 191 15.61 17.19 -14.45
CA LEU A 191 16.16 17.23 -13.09
C LEU A 191 15.10 17.72 -12.12
N ALA A 192 14.87 16.88 -11.11
CA ALA A 192 13.93 17.13 -10.03
C ALA A 192 14.75 17.45 -8.75
N TRP A 193 14.68 18.71 -8.28
CA TRP A 193 15.42 19.12 -7.09
C TRP A 193 14.46 19.54 -5.95
N LEU A 194 14.43 18.77 -4.87
CA LEU A 194 13.56 19.03 -3.71
C LEU A 194 14.28 19.58 -2.46
N PHE A 195 13.73 20.69 -1.93
CA PHE A 195 14.19 21.38 -0.73
C PHE A 195 13.01 21.34 0.28
N LEU A 196 13.17 20.77 1.48
CA LEU A 196 12.06 20.72 2.42
C LEU A 196 12.51 21.24 3.76
N GLY A 197 11.75 22.18 4.32
CA GLY A 197 12.07 22.73 5.60
C GLY A 197 11.08 22.21 6.61
N VAL A 198 11.57 21.69 7.73
CA VAL A 198 10.70 21.18 8.82
C VAL A 198 11.49 21.55 10.08
N PRO A 199 10.88 21.61 11.28
CA PRO A 199 11.62 21.99 12.49
C PRO A 199 12.66 21.02 13.11
N THR A 200 12.43 19.70 13.01
CA THR A 200 13.27 18.68 13.66
C THR A 200 13.39 17.48 12.76
N SER A 201 14.29 16.55 13.08
CA SER A 201 14.41 15.34 12.27
C SER A 201 13.18 14.46 12.43
N SER A 202 12.57 14.52 13.62
CA SER A 202 11.36 13.73 13.95
C SER A 202 10.16 14.23 13.15
N SER A 203 10.35 15.40 12.54
CA SER A 203 9.40 16.11 11.71
C SER A 203 9.64 15.93 10.20
N LEU A 204 10.67 15.18 9.76
CA LEU A 204 10.97 14.95 8.33
C LEU A 204 9.89 14.07 7.72
N LEU A 205 9.15 14.66 6.80
CA LEU A 205 8.05 14.00 6.15
C LEU A 205 8.46 13.14 4.93
N TYR A 206 8.08 11.85 4.94
CA TYR A 206 8.34 10.91 3.86
C TYR A 206 9.82 10.72 3.53
N LYS A 207 10.69 10.94 4.51
CA LYS A 207 12.13 10.84 4.32
C LYS A 207 12.54 9.56 3.60
N GLU A 208 12.07 8.43 4.11
CA GLU A 208 12.33 7.11 3.56
C GLU A 208 11.89 6.96 2.11
N GLU A 209 10.70 7.43 1.75
CA GLU A 209 10.22 7.39 0.38
C GLU A 209 11.16 8.20 -0.50
N PHE A 210 11.59 9.38 -0.03
CA PHE A 210 12.50 10.28 -0.76
C PHE A 210 13.88 9.60 -0.88
N GLU A 211 14.29 8.92 0.19
CA GLU A 211 15.56 8.20 0.12
C GLU A 211 15.60 7.02 -0.85
N LYS A 212 14.44 6.38 -1.13
CA LYS A 212 14.36 5.28 -2.11
C LYS A 212 14.44 5.84 -3.52
N MET A 213 13.80 6.99 -3.78
CA MET A 213 13.84 7.64 -5.09
C MET A 213 15.25 8.12 -5.41
N LYS A 214 16.01 8.49 -4.38
CA LYS A 214 17.37 8.99 -4.55
C LYS A 214 18.27 7.79 -4.91
N GLU A 215 17.96 6.66 -4.27
CA GLU A 215 18.64 5.40 -4.49
C GLU A 215 18.25 4.85 -5.85
N LYS A 216 17.11 5.28 -6.37
CA LYS A 216 16.72 4.83 -7.66
C LYS A 216 17.08 5.79 -8.81
N ALA A 217 17.28 7.08 -8.52
CA ALA A 217 17.61 8.07 -9.57
C ALA A 217 18.58 9.03 -8.93
N PRO A 218 19.79 8.55 -8.60
CA PRO A 218 20.88 9.28 -7.97
C PRO A 218 21.43 10.41 -8.79
N GLU A 219 21.16 10.40 -10.09
CA GLU A 219 21.65 11.45 -10.94
C GLU A 219 20.67 12.57 -10.93
N ASN A 220 19.49 12.34 -11.51
CA ASN A 220 18.47 13.35 -11.63
C ASN A 220 17.44 13.66 -10.52
N PHE A 221 17.67 13.15 -9.31
CA PHE A 221 16.81 13.51 -8.18
C PHE A 221 17.81 13.92 -7.15
N ARG A 222 17.67 15.16 -6.72
CA ARG A 222 18.48 15.79 -5.68
C ARG A 222 17.51 16.14 -4.48
N LEU A 223 17.97 15.88 -3.26
CA LEU A 223 17.18 16.07 -2.10
C LEU A 223 17.95 16.84 -1.05
N ASP A 224 17.38 17.97 -0.60
CA ASP A 224 18.00 18.77 0.45
C ASP A 224 17.03 19.11 1.58
N PHE A 225 17.34 18.66 2.78
CA PHE A 225 16.55 19.00 3.93
C PHE A 225 17.07 20.23 4.68
N ALA A 226 16.17 20.98 5.28
CA ALA A 226 16.57 22.15 6.02
C ALA A 226 15.86 22.06 7.38
N VAL A 227 16.56 21.51 8.38
CA VAL A 227 16.01 21.32 9.71
C VAL A 227 16.34 22.52 10.61
N SER A 228 15.39 23.45 10.67
CA SER A 228 15.54 24.72 11.35
C SER A 228 16.00 24.71 12.80
N ARG A 229 15.50 23.78 13.59
CA ARG A 229 15.92 23.75 14.98
C ARG A 229 17.14 22.86 15.30
N GLU A 230 17.65 22.15 14.30
CA GLU A 230 18.80 21.30 14.51
C GLU A 230 20.03 21.69 13.70
N GLN A 231 19.83 22.40 12.60
CA GLN A 231 20.96 22.75 11.77
C GLN A 231 21.15 24.23 11.74
N VAL A 232 22.39 24.60 11.41
CA VAL A 232 22.79 25.97 11.41
C VAL A 232 23.90 26.14 10.38
N ASN A 233 23.93 27.30 9.70
CA ASN A 233 25.01 27.61 8.76
C ASN A 233 26.30 28.10 9.53
N ASP A 234 27.30 28.54 8.80
CA ASP A 234 28.56 29.01 9.42
C ASP A 234 28.40 30.16 10.47
N LYS A 235 27.38 30.98 10.28
CA LYS A 235 27.09 32.05 11.16
C LYS A 235 26.21 31.59 12.32
N GLY A 236 25.82 30.34 12.37
CA GLY A 236 24.95 30.02 13.46
C GLY A 236 23.48 30.39 13.23
N GLU A 237 23.10 30.68 11.98
CA GLU A 237 21.70 30.98 11.62
C GLU A 237 20.95 29.68 11.44
N LYS A 238 19.68 29.67 11.84
CA LYS A 238 18.81 28.49 11.71
C LYS A 238 18.73 28.10 10.24
N MET A 239 18.88 26.80 9.97
CA MET A 239 18.77 26.30 8.61
C MET A 239 17.33 26.28 8.15
N TYR A 240 16.87 27.42 7.62
CA TYR A 240 15.53 27.46 7.07
C TYR A 240 15.69 27.05 5.59
N ILE A 241 14.61 26.84 4.85
CA ILE A 241 14.72 26.47 3.43
C ILE A 241 15.63 27.41 2.55
N GLN A 242 15.51 28.72 2.70
CA GLN A 242 16.35 29.65 1.93
C GLN A 242 17.83 29.69 2.36
N THR A 243 18.13 29.28 3.59
CA THR A 243 19.48 29.25 4.13
C THR A 243 20.22 28.08 3.51
N ARG A 244 19.49 26.99 3.24
CA ARG A 244 20.04 25.80 2.57
C ARG A 244 20.17 26.10 1.07
N MET A 245 19.17 26.76 0.48
CA MET A 245 19.27 27.12 -0.95
C MET A 245 20.48 28.00 -1.20
N ALA A 246 20.79 28.84 -0.22
CA ALA A 246 21.93 29.75 -0.31
C ALA A 246 23.24 28.98 -0.54
N GLN A 247 23.36 27.76 0.00
CA GLN A 247 24.58 26.94 -0.22
C GLN A 247 24.79 26.48 -1.69
N TYR A 248 23.70 26.60 -2.46
CA TYR A 248 23.66 26.27 -3.89
C TYR A 248 23.24 27.50 -4.75
N ALA A 249 23.47 28.72 -4.23
CA ALA A 249 23.10 29.98 -4.92
C ALA A 249 23.57 30.07 -6.41
N GLU A 250 24.85 29.76 -6.65
CA GLU A 250 25.40 29.74 -8.00
C GLU A 250 24.58 28.84 -8.99
N GLU A 251 24.41 27.58 -8.61
CA GLU A 251 23.72 26.57 -9.40
C GLU A 251 22.26 26.86 -9.63
N LEU A 252 21.54 27.23 -8.58
CA LEU A 252 20.15 27.56 -8.74
C LEU A 252 19.94 28.79 -9.68
N TRP A 253 20.77 29.83 -9.53
CA TRP A 253 20.66 31.03 -10.38
C TRP A 253 20.81 30.66 -11.87
N GLU A 254 21.77 29.79 -12.12
CA GLU A 254 22.09 29.24 -13.43
C GLU A 254 20.91 28.46 -13.97
N LEU A 255 20.26 27.65 -13.14
CA LEU A 255 19.13 26.92 -13.65
C LEU A 255 17.95 27.88 -13.86
N LEU A 256 17.84 28.88 -12.99
CA LEU A 256 16.76 29.85 -13.09
C LEU A 256 16.84 30.61 -14.41
N LYS A 257 18.04 30.63 -14.96
CA LYS A 257 18.22 31.28 -16.23
C LYS A 257 17.90 30.30 -17.39
N LYS A 258 17.87 28.98 -17.14
CA LYS A 258 17.56 28.03 -18.23
C LYS A 258 16.10 28.24 -18.56
N ASP A 259 15.70 27.93 -19.78
CA ASP A 259 14.30 28.18 -20.14
C ASP A 259 13.30 27.06 -19.89
N ASN A 260 13.83 25.91 -19.49
CA ASN A 260 13.01 24.74 -19.21
C ASN A 260 13.01 24.46 -17.68
N THR A 261 13.28 25.48 -16.87
CA THR A 261 13.31 25.37 -15.40
C THR A 261 11.99 25.88 -14.86
N PHE A 262 11.27 25.06 -14.12
CA PHE A 262 10.00 25.46 -13.50
C PHE A 262 10.16 25.43 -11.99
N VAL A 263 9.84 26.50 -11.28
CA VAL A 263 9.95 26.48 -9.83
C VAL A 263 8.58 26.40 -9.15
N TYR A 264 8.45 25.54 -8.12
CA TYR A 264 7.21 25.36 -7.33
C TYR A 264 7.42 25.62 -5.84
N MET A 265 6.50 26.38 -5.26
CA MET A 265 6.64 26.71 -3.88
C MET A 265 5.33 26.42 -3.15
N CYS A 266 5.40 25.64 -2.07
CA CYS A 266 4.20 25.26 -1.37
C CYS A 266 4.46 25.15 0.15
N GLY A 267 3.53 25.57 1.00
CA GLY A 267 3.76 25.49 2.43
C GLY A 267 3.34 26.75 3.13
N LEU A 268 4.14 27.19 4.10
CA LEU A 268 3.96 28.42 4.95
C LEU A 268 3.93 29.67 4.10
N LYS A 269 3.04 30.59 4.46
CA LYS A 269 2.82 31.91 3.84
C LYS A 269 4.17 32.74 3.88
N GLY A 270 4.94 32.56 4.94
CA GLY A 270 6.16 33.32 5.06
C GLY A 270 7.40 32.92 4.28
N MET A 271 7.52 31.63 3.97
CA MET A 271 8.72 31.13 3.25
C MET A 271 9.08 31.97 2.03
N GLU A 272 8.03 32.58 1.50
CA GLU A 272 8.03 33.38 0.30
C GLU A 272 9.01 34.52 0.27
N LYS A 273 9.18 35.19 1.39
CA LYS A 273 10.08 36.35 1.45
C LYS A 273 11.54 35.96 1.58
N GLY A 274 11.81 34.99 2.44
CA GLY A 274 13.20 34.58 2.61
C GLY A 274 13.80 34.15 1.28
N ILE A 275 12.97 33.51 0.49
CA ILE A 275 13.41 33.05 -0.82
C ILE A 275 13.70 34.24 -1.72
N ASP A 276 12.78 35.22 -1.76
CA ASP A 276 12.92 36.42 -2.61
C ASP A 276 14.13 37.23 -2.23
N ASP A 277 14.42 37.20 -0.92
CA ASP A 277 15.57 37.88 -0.36
C ASP A 277 16.80 37.20 -0.95
N ILE A 278 16.83 35.88 -0.93
CA ILE A 278 17.92 35.11 -1.48
C ILE A 278 18.08 35.41 -3.01
N MET A 279 16.95 35.56 -3.70
CA MET A 279 16.92 35.77 -5.15
C MET A 279 17.36 37.12 -5.68
N VAL A 280 16.94 38.16 -4.98
CA VAL A 280 17.27 39.53 -5.37
C VAL A 280 18.77 39.77 -5.36
N SER A 281 19.44 39.17 -4.36
CA SER A 281 20.89 39.27 -4.18
C SER A 281 21.62 38.68 -5.41
N LEU A 282 21.21 37.49 -5.83
CA LEU A 282 21.76 36.76 -6.97
C LEU A 282 21.64 37.53 -8.30
N ALA A 283 20.39 37.84 -8.62
CA ALA A 283 20.02 38.59 -9.83
C ALA A 283 20.81 39.91 -9.81
N ALA A 284 20.82 40.53 -8.62
CA ALA A 284 21.53 41.78 -8.36
C ALA A 284 22.94 41.66 -8.89
N LYS A 285 23.69 40.72 -8.30
CA LYS A 285 25.07 40.45 -8.66
C LYS A 285 25.28 40.11 -10.12
N ASP A 286 24.19 39.84 -10.82
CA ASP A 286 24.26 39.53 -12.22
C ASP A 286 23.75 40.73 -13.05
N GLY A 287 23.39 41.81 -12.35
CA GLY A 287 22.89 43.00 -13.02
C GLY A 287 21.51 42.73 -13.57
N ILE A 288 20.71 42.02 -12.78
CA ILE A 288 19.35 41.66 -13.17
C ILE A 288 18.49 42.07 -11.99
N ASP A 289 17.27 42.54 -12.28
CA ASP A 289 16.36 42.95 -11.23
C ASP A 289 15.41 41.79 -11.00
N TRP A 290 15.45 41.24 -9.78
CA TRP A 290 14.60 40.09 -9.41
C TRP A 290 13.13 40.44 -9.60
N ILE A 291 12.76 41.65 -9.19
CA ILE A 291 11.38 42.15 -9.27
C ILE A 291 10.86 41.95 -10.68
N GLU A 292 11.65 42.45 -11.62
CA GLU A 292 11.34 42.33 -13.03
C GLU A 292 11.52 40.89 -13.50
N TYR A 293 12.66 40.28 -13.18
CA TYR A 293 12.87 38.91 -13.60
C TYR A 293 11.77 37.97 -13.11
N LYS A 294 11.35 38.15 -11.87
CA LYS A 294 10.30 37.32 -11.25
C LYS A 294 8.98 37.40 -12.01
N ARG A 295 8.64 38.62 -12.44
CA ARG A 295 7.43 38.88 -13.21
C ARG A 295 7.41 37.97 -14.43
N THR A 296 8.49 38.02 -15.21
CA THR A 296 8.67 37.21 -16.42
C THR A 296 8.46 35.72 -16.13
N LEU A 297 9.14 35.23 -15.10
CA LEU A 297 9.08 33.83 -14.65
C LEU A 297 7.64 33.45 -14.38
N LYS A 298 6.95 34.28 -13.60
CA LYS A 298 5.53 34.07 -13.30
C LYS A 298 4.64 34.04 -14.59
N LYS A 299 4.82 35.03 -15.47
CA LYS A 299 4.04 35.11 -16.71
C LYS A 299 4.44 33.95 -17.60
N ALA A 300 5.66 33.49 -17.43
CA ALA A 300 6.13 32.35 -18.21
C ALA A 300 5.76 30.97 -17.64
N GLU A 301 4.92 30.94 -16.58
CA GLU A 301 4.46 29.71 -15.87
C GLU A 301 5.62 28.96 -15.19
N GLN A 302 6.66 29.70 -14.81
CA GLN A 302 7.85 29.10 -14.23
C GLN A 302 8.13 29.43 -12.79
N TRP A 303 7.24 30.19 -12.16
CA TRP A 303 7.40 30.50 -10.76
C TRP A 303 6.00 30.32 -10.20
N ASN A 304 5.67 29.09 -9.79
CA ASN A 304 4.34 28.70 -9.29
C ASN A 304 4.26 28.59 -7.77
N VAL A 305 3.36 29.36 -7.17
CA VAL A 305 3.23 29.40 -5.72
C VAL A 305 1.85 29.06 -5.13
N GLU A 306 1.81 28.26 -4.07
CA GLU A 306 0.54 27.95 -3.39
C GLU A 306 0.83 27.84 -1.89
N VAL A 307 0.75 28.96 -1.19
CA VAL A 307 1.03 28.96 0.24
C VAL A 307 -0.20 29.35 1.07
N TRP A 308 -0.22 28.91 2.32
CA TRP A 308 -1.28 29.18 3.30
C TRP A 308 -0.64 29.42 4.67
N SER B 14 12.09 -24.39 19.79
CA SER B 14 11.34 -24.59 18.53
C SER B 14 12.08 -24.11 17.26
N LYS B 15 11.78 -24.71 16.12
CA LYS B 15 12.41 -24.31 14.89
C LYS B 15 11.53 -23.26 14.22
N LYS B 16 10.31 -23.09 14.72
CA LYS B 16 9.41 -22.13 14.12
C LYS B 16 9.43 -20.76 14.82
N GLN B 17 8.89 -19.74 14.13
CA GLN B 17 8.77 -18.39 14.69
C GLN B 17 7.58 -18.32 15.68
N ASP B 18 7.80 -18.85 16.87
CA ASP B 18 6.76 -18.92 17.89
C ASP B 18 7.03 -18.10 19.14
N GLU B 19 8.00 -17.19 19.08
CA GLU B 19 8.33 -16.36 20.24
C GLU B 19 7.26 -15.34 20.58
N ASN B 20 6.66 -15.55 21.75
CA ASN B 20 5.57 -14.75 22.28
C ASN B 20 4.33 -14.81 21.40
N ILE B 21 4.08 -16.02 20.87
CA ILE B 21 2.95 -16.32 19.99
C ILE B 21 1.66 -16.04 20.75
N VAL B 22 0.64 -15.52 20.06
CA VAL B 22 -0.63 -15.21 20.68
C VAL B 22 -1.74 -15.99 20.05
N VAL B 23 -2.44 -16.80 20.84
CA VAL B 23 -3.61 -17.54 20.36
C VAL B 23 -4.78 -17.27 21.31
N ASN B 24 -5.98 -17.20 20.74
CA ASN B 24 -7.21 -17.01 21.50
C ASN B 24 -7.41 -15.80 22.39
N LYS B 25 -6.97 -14.66 21.86
CA LYS B 25 -7.11 -13.41 22.55
C LYS B 25 -8.58 -13.02 22.50
N PHE B 26 -9.23 -13.29 21.37
CA PHE B 26 -10.62 -12.98 21.21
C PHE B 26 -11.42 -14.26 21.06
N LYS B 27 -12.46 -14.40 21.91
CA LYS B 27 -13.35 -15.55 21.94
C LYS B 27 -14.64 -15.14 21.27
N PRO B 28 -15.45 -16.13 20.85
CA PRO B 28 -16.73 -15.90 20.16
C PRO B 28 -17.85 -15.20 20.88
N LYS B 29 -17.82 -15.30 22.20
CA LYS B 29 -18.82 -14.68 23.06
C LYS B 29 -18.62 -13.21 22.94
N GLU B 30 -17.36 -12.80 22.86
CA GLU B 30 -16.99 -11.38 22.77
C GLU B 30 -15.98 -11.20 21.69
N PRO B 31 -16.52 -11.18 20.42
CA PRO B 31 -15.53 -10.99 19.34
C PRO B 31 -14.96 -9.58 19.09
N TYR B 32 -13.79 -9.49 18.46
CA TYR B 32 -13.27 -8.17 18.12
C TYR B 32 -14.17 -7.74 16.91
N VAL B 33 -14.68 -6.51 16.92
CA VAL B 33 -15.50 -6.04 15.79
C VAL B 33 -14.72 -5.08 14.86
N GLY B 34 -14.29 -5.64 13.73
CA GLY B 34 -13.57 -4.88 12.73
C GLY B 34 -14.53 -4.48 11.61
N ARG B 35 -14.00 -3.79 10.62
CA ARG B 35 -14.83 -3.36 9.51
C ARG B 35 -14.17 -3.77 8.19
N CYS B 36 -14.98 -3.95 7.15
CA CYS B 36 -14.46 -4.30 5.83
C CYS B 36 -13.93 -3.03 5.18
N LEU B 37 -12.65 -3.07 4.81
CA LEU B 37 -11.99 -1.95 4.18
C LEU B 37 -12.01 -2.15 2.69
N LEU B 38 -11.91 -3.40 2.24
CA LEU B 38 -11.96 -3.66 0.82
C LEU B 38 -12.39 -5.12 0.66
N ASN B 39 -13.02 -5.40 -0.46
CA ASN B 39 -13.42 -6.74 -0.75
C ASN B 39 -13.46 -6.89 -2.26
N THR B 40 -12.68 -7.83 -2.81
CA THR B 40 -12.61 -8.00 -4.27
C THR B 40 -12.59 -9.44 -4.67
N LYS B 41 -13.21 -9.71 -5.81
CA LYS B 41 -13.24 -11.06 -6.35
C LYS B 41 -11.95 -11.20 -7.11
N ILE B 42 -11.16 -12.19 -6.76
CA ILE B 42 -9.88 -12.37 -7.42
C ILE B 42 -9.83 -13.47 -8.48
N THR B 43 -10.95 -14.13 -8.74
CA THR B 43 -10.97 -15.17 -9.75
C THR B 43 -11.63 -14.64 -10.99
N GLY B 44 -11.36 -15.27 -12.13
CA GLY B 44 -11.96 -14.86 -13.39
C GLY B 44 -13.45 -15.19 -13.44
N ASP B 45 -14.22 -14.40 -14.17
CA ASP B 45 -15.68 -14.62 -14.32
C ASP B 45 -16.06 -16.07 -14.76
N ASP B 46 -15.21 -16.66 -15.60
CA ASP B 46 -15.40 -18.01 -16.12
C ASP B 46 -14.94 -19.14 -15.20
N ALA B 47 -14.47 -18.81 -13.99
CA ALA B 47 -13.99 -19.83 -13.02
C ALA B 47 -15.15 -20.66 -12.54
N PRO B 48 -14.92 -21.96 -12.30
CA PRO B 48 -16.03 -22.80 -11.82
C PRO B 48 -16.65 -22.29 -10.48
N GLY B 49 -15.93 -21.40 -9.76
CA GLY B 49 -16.39 -20.86 -8.50
C GLY B 49 -15.90 -19.42 -8.35
N GLU B 50 -16.05 -18.85 -7.16
CA GLU B 50 -15.63 -17.46 -6.90
C GLU B 50 -14.81 -17.44 -5.65
N THR B 51 -13.62 -16.83 -5.67
CA THR B 51 -12.76 -16.67 -4.48
C THR B 51 -12.56 -15.15 -4.30
N TRP B 52 -12.68 -14.67 -3.07
CA TRP B 52 -12.57 -13.24 -2.82
C TRP B 52 -11.46 -12.91 -1.84
N HIS B 53 -10.86 -11.74 -2.04
CA HIS B 53 -9.82 -11.26 -1.16
C HIS B 53 -10.44 -10.06 -0.48
N MET B 54 -10.33 -10.01 0.84
CA MET B 54 -10.94 -8.92 1.60
C MET B 54 -10.00 -8.51 2.73
N VAL B 55 -10.00 -7.21 3.03
CA VAL B 55 -9.14 -6.61 4.07
C VAL B 55 -10.05 -5.96 5.13
N PHE B 56 -9.80 -6.30 6.40
CA PHE B 56 -10.56 -5.87 7.56
C PHE B 56 -9.72 -5.07 8.51
N SER B 57 -10.33 -4.08 9.15
CA SER B 57 -9.65 -3.25 10.11
C SER B 57 -9.57 -3.96 11.46
N THR B 58 -8.44 -3.84 12.15
CA THR B 58 -8.28 -4.47 13.46
C THR B 58 -7.62 -3.54 14.49
N GLU B 59 -7.25 -2.30 14.11
CA GLU B 59 -6.57 -1.33 15.02
C GLU B 59 -5.36 -1.94 15.69
N GLY B 60 -4.79 -2.99 15.11
CA GLY B 60 -3.62 -3.65 15.69
C GLY B 60 -3.94 -4.44 16.95
N GLU B 61 -5.25 -4.68 17.12
CA GLU B 61 -5.76 -5.40 18.27
C GLU B 61 -5.59 -6.95 18.25
N VAL B 62 -5.71 -7.55 17.08
CA VAL B 62 -5.59 -9.00 16.90
C VAL B 62 -4.12 -9.29 16.56
N PRO B 63 -3.36 -9.70 17.56
CA PRO B 63 -1.93 -9.97 17.45
C PRO B 63 -1.45 -11.23 16.71
N TYR B 64 -1.67 -11.28 15.41
CA TYR B 64 -1.30 -12.46 14.61
C TYR B 64 0.05 -12.38 13.90
N ARG B 65 0.50 -13.56 13.46
CA ARG B 65 1.72 -13.68 12.65
C ARG B 65 1.48 -14.70 11.54
N GLU B 66 2.41 -14.76 10.60
CA GLU B 66 2.33 -15.62 9.44
C GLU B 66 1.99 -17.09 9.77
N GLY B 67 0.98 -17.64 9.10
CA GLY B 67 0.57 -19.02 9.29
C GLY B 67 -0.61 -19.31 10.21
N GLN B 68 -1.08 -18.31 10.94
CA GLN B 68 -2.20 -18.47 11.88
C GLN B 68 -3.51 -18.21 11.20
N SER B 69 -4.62 -18.55 11.87
CA SER B 69 -5.98 -18.28 11.38
C SER B 69 -6.72 -17.37 12.35
N ILE B 70 -7.89 -16.89 11.91
CA ILE B 70 -8.84 -16.10 12.72
C ILE B 70 -10.21 -16.74 12.44
N GLY B 71 -11.10 -16.66 13.44
CA GLY B 71 -12.43 -17.20 13.33
C GLY B 71 -13.33 -16.05 12.93
N ILE B 72 -14.45 -16.36 12.31
CA ILE B 72 -15.38 -15.34 11.91
C ILE B 72 -16.77 -15.86 12.21
N VAL B 73 -17.51 -15.09 12.99
CA VAL B 73 -18.85 -15.45 13.32
C VAL B 73 -19.74 -14.66 12.36
N PRO B 74 -20.34 -15.31 11.36
CA PRO B 74 -21.21 -14.61 10.42
C PRO B 74 -22.54 -14.06 11.07
N ASP B 75 -23.03 -12.91 10.57
CA ASP B 75 -24.25 -12.28 11.09
C ASP B 75 -25.43 -13.17 10.74
N GLY B 76 -26.47 -12.98 11.52
CA GLY B 76 -27.68 -13.75 11.31
C GLY B 76 -28.01 -14.77 12.38
N ILE B 77 -28.92 -15.65 12.01
CA ILE B 77 -29.42 -16.67 12.92
C ILE B 77 -29.60 -17.95 12.13
N ASP B 78 -29.31 -19.10 12.74
CA ASP B 78 -29.54 -20.35 12.00
C ASP B 78 -31.05 -20.65 12.03
N LYS B 79 -31.44 -21.84 11.57
CA LYS B 79 -32.87 -22.29 11.51
C LYS B 79 -33.60 -22.31 12.87
N ASN B 80 -32.81 -22.53 13.91
CA ASN B 80 -33.28 -22.58 15.30
C ASN B 80 -33.17 -21.28 16.10
N GLY B 81 -33.00 -20.17 15.37
CA GLY B 81 -32.92 -18.90 16.04
C GLY B 81 -31.66 -18.66 16.84
N LYS B 82 -30.65 -19.47 16.58
CA LYS B 82 -29.36 -19.34 17.22
C LYS B 82 -28.27 -18.66 16.38
N PRO B 83 -27.45 -17.83 17.02
CA PRO B 83 -26.41 -17.18 16.23
C PRO B 83 -25.42 -18.22 15.67
N HIS B 84 -24.88 -17.94 14.49
CA HIS B 84 -23.95 -18.88 13.89
C HIS B 84 -22.65 -19.21 14.65
N LYS B 85 -22.17 -20.46 14.54
CA LYS B 85 -20.90 -20.86 15.15
C LYS B 85 -19.77 -20.34 14.19
N LEU B 86 -18.59 -20.02 14.72
CA LEU B 86 -17.48 -19.47 13.90
C LEU B 86 -16.87 -20.43 12.88
N ARG B 87 -16.36 -19.91 11.77
CA ARG B 87 -15.68 -20.71 10.77
C ARG B 87 -14.27 -20.12 10.77
N LEU B 88 -13.25 -20.98 10.63
CA LEU B 88 -11.87 -20.52 10.61
C LEU B 88 -11.42 -20.18 9.21
N TYR B 89 -10.53 -19.20 9.06
CA TYR B 89 -9.95 -18.82 7.77
C TYR B 89 -8.48 -18.51 8.01
N SER B 90 -7.58 -19.09 7.19
CA SER B 90 -6.12 -18.86 7.27
C SER B 90 -5.94 -17.45 6.88
N ILE B 91 -5.03 -16.75 7.55
CA ILE B 91 -4.72 -15.33 7.23
C ILE B 91 -3.84 -15.23 5.99
N ALA B 92 -4.33 -14.52 4.96
CA ALA B 92 -3.69 -14.33 3.66
C ALA B 92 -2.66 -13.21 3.64
N SER B 93 -2.62 -12.42 4.71
CA SER B 93 -1.69 -11.33 4.75
C SER B 93 -0.54 -11.58 5.75
N SER B 94 0.60 -10.89 5.55
CA SER B 94 1.71 -11.00 6.50
C SER B 94 1.33 -10.27 7.81
N ALA B 95 2.11 -10.45 8.86
CA ALA B 95 1.82 -9.80 10.13
C ALA B 95 1.59 -8.26 10.05
N ILE B 96 2.38 -7.58 9.21
CA ILE B 96 2.23 -6.15 9.07
C ILE B 96 1.00 -5.84 8.20
N GLY B 97 0.45 -6.87 7.56
CA GLY B 97 -0.76 -6.73 6.76
C GLY B 97 -0.67 -6.11 5.36
N ASP B 98 -1.76 -6.13 4.59
CA ASP B 98 -1.76 -5.60 3.21
C ASP B 98 -1.50 -4.14 2.93
N PHE B 99 -1.63 -3.33 3.97
CA PHE B 99 -1.44 -1.90 3.91
C PHE B 99 -0.14 -1.52 4.58
N GLY B 100 0.58 -2.49 5.14
CA GLY B 100 1.84 -2.11 5.70
C GLY B 100 1.82 -1.32 6.98
N ASP B 101 0.64 -1.16 7.59
CA ASP B 101 0.52 -0.41 8.82
C ASP B 101 0.31 -1.22 10.07
N SER B 102 0.35 -2.54 9.96
CA SER B 102 0.11 -3.42 11.11
C SER B 102 -1.26 -3.19 11.74
N LYS B 103 -2.25 -2.83 10.95
CA LYS B 103 -3.57 -2.61 11.52
C LYS B 103 -4.72 -3.24 10.77
N THR B 104 -4.37 -4.23 9.95
CA THR B 104 -5.35 -4.99 9.21
C THR B 104 -5.10 -6.53 9.23
N VAL B 105 -6.07 -7.27 8.72
CA VAL B 105 -5.98 -8.69 8.60
C VAL B 105 -6.82 -8.95 7.33
N SER B 106 -6.35 -9.88 6.49
CA SER B 106 -7.00 -10.26 5.20
C SER B 106 -7.27 -11.75 5.12
N LEU B 107 -8.21 -12.12 4.24
CA LEU B 107 -8.58 -13.51 4.04
C LEU B 107 -8.76 -13.73 2.59
N CYS B 108 -8.62 -15.01 2.24
CA CYS B 108 -8.79 -15.51 0.89
C CYS B 108 -10.00 -16.45 1.03
N VAL B 109 -11.20 -16.04 0.57
CA VAL B 109 -12.41 -16.87 0.78
C VAL B 109 -13.10 -17.39 -0.46
N LYS B 110 -13.32 -18.69 -0.51
CA LYS B 110 -14.00 -19.34 -1.65
C LYS B 110 -15.51 -19.31 -1.29
N ARG B 111 -16.35 -18.81 -2.23
CA ARG B 111 -17.78 -18.75 -1.96
C ARG B 111 -18.35 -20.15 -2.09
N LEU B 112 -18.81 -20.77 -0.99
CA LEU B 112 -19.44 -22.11 -1.03
C LEU B 112 -20.90 -22.11 -1.59
N VAL B 113 -21.05 -22.71 -2.76
CA VAL B 113 -22.34 -22.81 -3.45
C VAL B 113 -22.34 -24.22 -4.01
N TYR B 114 -23.42 -24.97 -3.82
CA TYR B 114 -23.46 -26.32 -4.37
C TYR B 114 -24.88 -26.79 -4.39
N THR B 115 -25.10 -27.94 -5.01
CA THR B 115 -26.45 -28.48 -5.09
C THR B 115 -26.50 -29.80 -4.34
N ASN B 116 -27.48 -29.94 -3.46
CA ASN B 116 -27.64 -31.19 -2.71
C ASN B 116 -28.08 -32.37 -3.62
N ASP B 117 -28.14 -33.55 -3.03
CA ASP B 117 -28.54 -34.76 -3.75
C ASP B 117 -29.91 -34.61 -4.44
N ALA B 118 -30.77 -33.80 -3.83
CA ALA B 118 -32.12 -33.54 -4.35
C ALA B 118 -32.15 -32.47 -5.44
N GLY B 119 -30.97 -31.95 -5.80
CA GLY B 119 -30.87 -30.93 -6.84
C GLY B 119 -31.00 -29.43 -6.49
N GLU B 120 -31.17 -29.10 -5.20
CA GLU B 120 -31.28 -27.70 -4.70
C GLU B 120 -29.94 -27.01 -4.40
N VAL B 121 -29.80 -25.82 -4.96
CA VAL B 121 -28.60 -25.04 -4.75
C VAL B 121 -28.52 -24.56 -3.29
N VAL B 122 -27.43 -24.96 -2.65
CA VAL B 122 -27.14 -24.65 -1.25
C VAL B 122 -25.97 -23.68 -1.16
N LYS B 123 -26.14 -22.63 -0.34
CA LYS B 123 -25.11 -21.60 -0.10
C LYS B 123 -24.45 -21.73 1.30
N GLY B 124 -23.13 -21.90 1.37
CA GLY B 124 -22.51 -21.94 2.67
C GLY B 124 -22.73 -20.60 3.34
N VAL B 125 -23.09 -20.67 4.62
CA VAL B 125 -23.38 -19.48 5.39
C VAL B 125 -22.27 -18.45 5.48
N CYS B 126 -21.15 -18.82 6.09
CA CYS B 126 -20.10 -17.89 6.32
C CYS B 126 -19.38 -17.36 5.09
N SER B 127 -19.01 -18.27 4.17
CA SER B 127 -18.28 -17.86 2.97
C SER B 127 -19.06 -16.88 2.15
N ASN B 128 -20.39 -17.02 2.17
CA ASN B 128 -21.34 -16.12 1.45
C ASN B 128 -21.53 -14.77 2.18
N PHE B 129 -21.56 -14.81 3.51
CA PHE B 129 -21.66 -13.60 4.32
C PHE B 129 -20.42 -12.74 3.95
N LEU B 130 -19.24 -13.39 4.06
CA LEU B 130 -17.94 -12.79 3.78
C LEU B 130 -17.80 -12.29 2.33
N CYS B 131 -18.11 -13.12 1.33
CA CYS B 131 -18.00 -12.66 -0.03
C CYS B 131 -19.02 -11.61 -0.41
N ASP B 132 -19.97 -11.36 0.49
CA ASP B 132 -21.01 -10.36 0.28
C ASP B 132 -20.73 -9.06 0.98
N LEU B 133 -19.73 -9.08 1.87
CA LEU B 133 -19.33 -7.90 2.70
C LEU B 133 -19.03 -6.71 1.85
N LYS B 134 -19.56 -5.56 2.31
CA LYS B 134 -19.38 -4.28 1.65
C LYS B 134 -18.49 -3.41 2.47
N PRO B 135 -17.69 -2.55 1.80
CA PRO B 135 -16.77 -1.67 2.57
C PRO B 135 -17.55 -0.95 3.67
N GLY B 136 -17.00 -0.95 4.86
CA GLY B 136 -17.66 -0.29 5.96
C GLY B 136 -18.41 -1.23 6.87
N SER B 137 -18.85 -2.40 6.39
CA SER B 137 -19.65 -3.33 7.24
C SER B 137 -18.81 -3.91 8.34
N GLU B 138 -19.43 -4.29 9.47
CA GLU B 138 -18.67 -4.85 10.59
C GLU B 138 -18.59 -6.33 10.45
N VAL B 139 -17.61 -6.88 11.15
CA VAL B 139 -17.38 -8.30 11.07
C VAL B 139 -16.84 -8.69 12.43
N LYS B 140 -17.29 -9.82 12.96
CA LYS B 140 -16.87 -10.31 14.28
C LYS B 140 -15.72 -11.33 14.16
N ILE B 141 -14.56 -10.99 14.74
CA ILE B 141 -13.30 -11.79 14.61
C ILE B 141 -12.88 -12.41 15.92
N THR B 142 -12.37 -13.63 15.88
CA THR B 142 -11.94 -14.31 17.10
C THR B 142 -10.52 -14.83 16.88
N GLY B 143 -9.83 -15.22 17.93
CA GLY B 143 -8.50 -15.73 17.71
C GLY B 143 -7.45 -14.69 18.03
N PRO B 144 -6.26 -14.68 17.38
CA PRO B 144 -5.84 -15.62 16.32
C PRO B 144 -5.60 -17.00 16.87
N VAL B 145 -5.62 -17.99 15.98
CA VAL B 145 -5.46 -19.36 16.43
C VAL B 145 -4.49 -20.14 15.58
N GLY B 146 -3.87 -21.11 16.21
CA GLY B 146 -2.97 -21.98 15.49
C GLY B 146 -1.50 -21.67 15.66
N LYS B 147 -0.68 -22.72 15.70
CA LYS B 147 0.78 -22.62 15.84
C LYS B 147 1.44 -23.69 14.95
N GLU B 148 0.62 -24.41 14.20
CA GLU B 148 1.08 -25.46 13.33
C GLU B 148 1.85 -24.99 12.14
N MET B 149 1.33 -23.90 11.58
CA MET B 149 1.85 -23.34 10.37
C MET B 149 2.73 -22.10 10.48
N LEU B 150 3.43 -21.96 11.60
CA LEU B 150 4.35 -20.84 11.82
C LEU B 150 5.60 -21.03 10.99
N MET B 151 6.18 -19.94 10.51
CA MET B 151 7.38 -20.00 9.67
C MET B 151 8.63 -20.51 10.40
N PRO B 152 9.62 -21.10 9.67
CA PRO B 152 10.84 -21.58 10.33
C PRO B 152 11.66 -20.36 10.77
N LYS B 153 12.26 -20.37 11.97
CA LYS B 153 13.12 -19.24 12.37
C LYS B 153 14.28 -18.98 11.39
N ASP B 154 14.95 -20.05 10.95
CA ASP B 154 16.09 -19.94 10.04
C ASP B 154 15.82 -19.19 8.77
N PRO B 155 16.55 -18.11 8.55
CA PRO B 155 16.32 -17.34 7.35
C PRO B 155 17.01 -17.94 6.13
N ASN B 156 17.71 -19.07 6.32
CA ASN B 156 18.40 -19.77 5.20
C ASN B 156 17.78 -21.15 4.84
N ALA B 157 16.71 -21.52 5.55
CA ALA B 157 15.98 -22.79 5.40
C ALA B 157 15.48 -22.94 3.97
N THR B 158 15.02 -24.13 3.63
CA THR B 158 14.40 -24.43 2.33
C THR B 158 12.97 -24.62 2.74
N VAL B 159 12.07 -23.80 2.20
CA VAL B 159 10.66 -23.88 2.59
C VAL B 159 9.89 -24.26 1.33
N ILE B 160 9.33 -25.48 1.33
CA ILE B 160 8.51 -26.03 0.22
C ILE B 160 7.08 -25.89 0.69
N MET B 161 6.30 -25.18 -0.11
CA MET B 161 4.92 -24.89 0.19
C MET B 161 4.03 -25.50 -0.85
N LEU B 162 3.14 -26.34 -0.35
CA LEU B 162 2.22 -27.13 -1.13
C LEU B 162 0.75 -26.85 -0.76
N GLY B 163 0.09 -26.16 -1.66
CA GLY B 163 -1.29 -25.83 -1.40
C GLY B 163 -2.21 -26.02 -2.57
N THR B 164 -3.49 -26.11 -2.22
CA THR B 164 -4.54 -26.24 -3.21
C THR B 164 -5.63 -25.18 -2.97
N GLY B 165 -6.03 -24.47 -4.03
CA GLY B 165 -7.04 -23.42 -3.85
C GLY B 165 -6.72 -22.38 -2.77
N THR B 166 -7.69 -22.09 -1.89
CA THR B 166 -7.54 -21.11 -0.81
C THR B 166 -6.44 -21.52 0.19
N GLY B 167 -5.94 -22.73 0.00
CA GLY B 167 -4.85 -23.21 0.83
C GLY B 167 -3.65 -22.34 0.59
N ILE B 168 -3.66 -21.56 -0.50
CA ILE B 168 -2.55 -20.62 -0.76
C ILE B 168 -2.39 -19.58 0.35
N ALA B 169 -3.53 -19.17 0.94
CA ALA B 169 -3.57 -18.14 1.98
C ALA B 169 -2.33 -17.96 2.88
N PRO B 170 -1.88 -19.01 3.64
CA PRO B 170 -0.70 -18.87 4.53
C PRO B 170 0.65 -18.74 3.84
N PHE B 171 0.70 -19.24 2.61
CA PHE B 171 1.93 -19.12 1.86
C PHE B 171 2.03 -17.68 1.32
N ARG B 172 0.91 -17.02 1.03
CA ARG B 172 1.00 -15.63 0.60
C ARG B 172 1.52 -14.85 1.83
N SER B 173 1.06 -15.25 3.00
CA SER B 173 1.49 -14.65 4.24
C SER B 173 3.01 -14.80 4.35
N PHE B 174 3.46 -16.04 4.33
CA PHE B 174 4.88 -16.34 4.40
C PHE B 174 5.80 -15.53 3.45
N LEU B 175 5.41 -15.52 2.17
CA LEU B 175 6.14 -14.92 1.03
C LEU B 175 6.27 -13.42 1.03
N TRP B 176 5.22 -12.71 1.47
CA TRP B 176 5.23 -11.26 1.61
C TRP B 176 6.32 -10.94 2.64
N LYS B 177 6.39 -11.67 3.75
CA LYS B 177 7.42 -11.44 4.73
C LYS B 177 8.79 -11.80 4.19
N MET B 178 8.84 -12.87 3.39
CA MET B 178 10.09 -13.32 2.87
C MET B 178 10.61 -12.44 1.77
N PHE B 179 9.79 -12.08 0.80
CA PHE B 179 10.33 -11.31 -0.32
C PHE B 179 9.92 -9.85 -0.48
N PHE B 180 8.81 -9.44 0.12
CA PHE B 180 8.35 -8.07 -0.05
C PHE B 180 8.49 -7.20 1.19
N GLU B 181 9.25 -7.65 2.18
CA GLU B 181 9.44 -6.91 3.42
C GLU B 181 10.85 -7.07 3.93
N LYS B 182 11.33 -6.02 4.58
CA LYS B 182 12.66 -5.97 5.20
C LYS B 182 12.48 -5.87 6.70
N HIS B 183 13.01 -6.82 7.43
CA HIS B 183 12.84 -6.85 8.87
C HIS B 183 14.27 -6.98 9.37
N GLU B 184 14.64 -6.20 10.37
CA GLU B 184 16.01 -6.28 10.88
C GLU B 184 16.36 -7.67 11.41
N ASP B 185 15.49 -8.23 12.23
CA ASP B 185 15.65 -9.55 12.82
C ASP B 185 15.54 -10.73 11.84
N TYR B 186 15.17 -10.47 10.60
CA TYR B 186 14.97 -11.58 9.69
C TYR B 186 14.97 -11.18 8.25
N GLN B 187 15.92 -11.76 7.55
CA GLN B 187 16.07 -11.59 6.12
C GLN B 187 16.27 -12.99 5.49
N PHE B 188 15.30 -13.38 4.66
CA PHE B 188 15.33 -14.67 3.98
C PHE B 188 16.35 -14.81 2.86
N ASN B 189 17.16 -15.84 2.97
CA ASN B 189 18.18 -16.09 2.00
C ASN B 189 18.22 -17.54 1.60
N GLY B 190 17.23 -18.30 2.00
CA GLY B 190 17.20 -19.71 1.65
C GLY B 190 16.46 -19.90 0.36
N LEU B 191 15.92 -21.10 0.16
CA LEU B 191 15.15 -21.41 -1.03
C LEU B 191 13.70 -21.58 -0.67
N ALA B 192 12.88 -20.80 -1.33
CA ALA B 192 11.46 -20.96 -1.14
C ALA B 192 10.87 -21.56 -2.43
N TRP B 193 10.16 -22.66 -2.31
CA TRP B 193 9.51 -23.30 -3.44
C TRP B 193 8.00 -23.52 -3.24
N LEU B 194 7.21 -22.83 -4.04
CA LEU B 194 5.75 -22.94 -3.94
C LEU B 194 5.12 -23.75 -5.07
N PHE B 195 4.24 -24.69 -4.69
CA PHE B 195 3.44 -25.54 -5.63
C PHE B 195 1.96 -25.20 -5.36
N LEU B 196 1.26 -24.65 -6.35
CA LEU B 196 -0.14 -24.30 -6.16
C LEU B 196 -1.04 -25.01 -7.16
N GLY B 197 -1.99 -25.76 -6.62
CA GLY B 197 -2.94 -26.47 -7.46
C GLY B 197 -4.32 -25.85 -7.48
N VAL B 198 -4.77 -25.53 -8.68
CA VAL B 198 -6.11 -24.97 -8.88
C VAL B 198 -6.76 -25.69 -10.05
N PRO B 199 -8.08 -25.51 -10.25
CA PRO B 199 -8.65 -26.24 -11.41
C PRO B 199 -8.48 -25.61 -12.82
N THR B 200 -8.59 -24.29 -12.90
CA THR B 200 -8.48 -23.63 -14.18
C THR B 200 -7.58 -22.43 -14.01
N SER B 201 -7.13 -21.86 -15.12
CA SER B 201 -6.29 -20.66 -15.11
C SER B 201 -7.03 -19.39 -14.57
N SER B 202 -8.37 -19.35 -14.72
CA SER B 202 -9.17 -18.21 -14.18
C SER B 202 -9.28 -18.34 -12.66
N SER B 203 -8.84 -19.50 -12.15
CA SER B 203 -8.82 -19.83 -10.73
C SER B 203 -7.45 -19.65 -10.10
N LEU B 204 -6.47 -19.14 -10.84
CA LEU B 204 -5.16 -18.89 -10.23
C LEU B 204 -5.32 -17.73 -9.22
N LEU B 205 -4.65 -17.86 -8.08
CA LEU B 205 -4.77 -16.85 -7.04
C LEU B 205 -3.47 -16.09 -6.79
N TYR B 206 -3.52 -14.76 -6.87
CA TYR B 206 -2.31 -13.98 -6.61
C TYR B 206 -1.15 -14.27 -7.61
N LYS B 207 -1.46 -14.70 -8.83
CA LYS B 207 -0.44 -15.00 -9.82
C LYS B 207 0.53 -13.86 -10.05
N GLU B 208 0.02 -12.66 -10.32
CA GLU B 208 0.83 -11.47 -10.54
C GLU B 208 1.80 -11.12 -9.37
N GLU B 209 1.36 -11.34 -8.12
CA GLU B 209 2.23 -11.07 -6.98
C GLU B 209 3.36 -12.08 -6.97
N PHE B 210 3.02 -13.35 -7.17
CA PHE B 210 4.01 -14.41 -7.21
C PHE B 210 4.93 -14.19 -8.40
N GLU B 211 4.44 -13.58 -9.46
CA GLU B 211 5.32 -13.32 -10.58
C GLU B 211 6.37 -12.22 -10.30
N LYS B 212 6.01 -11.20 -9.51
CA LYS B 212 6.91 -10.09 -9.10
C LYS B 212 8.01 -10.59 -8.15
N MET B 213 7.62 -11.44 -7.19
CA MET B 213 8.57 -12.04 -6.26
C MET B 213 9.62 -12.85 -7.02
N LYS B 214 9.15 -13.58 -8.04
CA LYS B 214 9.99 -14.42 -8.87
C LYS B 214 10.99 -13.58 -9.61
N GLU B 215 10.48 -12.53 -10.21
CA GLU B 215 11.25 -11.55 -10.94
C GLU B 215 12.29 -10.86 -10.01
N LYS B 216 11.91 -10.57 -8.75
CA LYS B 216 12.84 -9.93 -7.84
C LYS B 216 13.78 -10.89 -7.10
N ALA B 217 13.46 -12.19 -7.11
CA ALA B 217 14.33 -13.18 -6.45
C ALA B 217 14.32 -14.43 -7.31
N PRO B 218 14.81 -14.32 -8.54
CA PRO B 218 14.86 -15.40 -9.52
C PRO B 218 15.66 -16.64 -9.14
N GLU B 219 16.59 -16.46 -8.22
CA GLU B 219 17.39 -17.58 -7.81
C GLU B 219 16.59 -18.41 -6.82
N ASN B 220 16.42 -17.81 -5.64
CA ASN B 220 15.72 -18.43 -4.52
C ASN B 220 14.20 -18.46 -4.31
N PHE B 221 13.42 -18.25 -5.38
CA PHE B 221 11.98 -18.38 -5.30
C PHE B 221 11.58 -19.22 -6.51
N ARG B 222 10.98 -20.38 -6.27
CA ARG B 222 10.54 -21.23 -7.35
C ARG B 222 9.05 -21.33 -7.22
N LEU B 223 8.40 -21.23 -8.36
CA LEU B 223 6.98 -21.23 -8.45
C LEU B 223 6.49 -22.23 -9.47
N ASP B 224 5.56 -23.10 -9.08
CA ASP B 224 4.99 -24.08 -9.99
C ASP B 224 3.47 -24.17 -9.83
N PHE B 225 2.76 -23.95 -10.93
CA PHE B 225 1.31 -24.07 -10.92
C PHE B 225 0.89 -25.43 -11.46
N ALA B 226 -0.10 -26.02 -10.81
CA ALA B 226 -0.67 -27.30 -11.24
C ALA B 226 -2.15 -27.05 -11.60
N VAL B 227 -2.42 -26.62 -12.83
CA VAL B 227 -3.80 -26.36 -13.32
C VAL B 227 -4.47 -27.69 -13.82
N SER B 228 -5.12 -28.39 -12.90
CA SER B 228 -5.71 -29.70 -13.13
C SER B 228 -6.69 -29.95 -14.27
N ARG B 229 -7.50 -28.96 -14.58
CA ARG B 229 -8.42 -29.18 -15.66
C ARG B 229 -7.86 -28.69 -16.96
N GLU B 230 -6.63 -28.24 -16.97
CA GLU B 230 -6.08 -27.71 -18.20
C GLU B 230 -4.71 -28.23 -18.55
N GLN B 231 -4.13 -29.03 -17.67
CA GLN B 231 -2.82 -29.56 -17.90
C GLN B 231 -2.81 -31.04 -17.65
N VAL B 232 -1.87 -31.69 -18.32
CA VAL B 232 -1.71 -33.13 -18.22
C VAL B 232 -0.23 -33.52 -18.41
N ASN B 233 0.23 -34.59 -17.73
CA ASN B 233 1.61 -35.07 -17.94
C ASN B 233 1.63 -35.95 -19.20
N ASP B 234 2.80 -36.48 -19.54
CA ASP B 234 2.94 -37.28 -20.75
C ASP B 234 2.04 -38.48 -20.84
N LYS B 235 1.72 -39.03 -19.68
CA LYS B 235 0.82 -40.17 -19.56
C LYS B 235 -0.66 -39.78 -19.68
N GLY B 236 -0.93 -38.48 -19.80
CA GLY B 236 -2.29 -38.00 -19.90
C GLY B 236 -3.03 -37.87 -18.59
N GLU B 237 -2.27 -37.80 -17.49
CA GLU B 237 -2.80 -37.68 -16.12
C GLU B 237 -2.93 -36.22 -15.79
N LYS B 238 -4.11 -35.86 -15.31
CA LYS B 238 -4.45 -34.53 -14.85
C LYS B 238 -3.32 -33.94 -13.95
N MET B 239 -2.97 -32.69 -14.20
CA MET B 239 -1.92 -32.06 -13.42
C MET B 239 -2.35 -31.62 -12.00
N TYR B 240 -2.41 -32.56 -11.08
CA TYR B 240 -2.71 -32.16 -9.75
C TYR B 240 -1.35 -31.78 -9.17
N ILE B 241 -1.37 -31.38 -7.92
CA ILE B 241 -0.15 -30.98 -7.27
C ILE B 241 0.96 -32.07 -7.25
N GLN B 242 0.63 -33.29 -6.82
CA GLN B 242 1.61 -34.38 -6.77
C GLN B 242 2.13 -34.75 -8.15
N THR B 243 1.35 -34.39 -9.18
CA THR B 243 1.68 -34.66 -10.55
C THR B 243 2.82 -33.69 -10.95
N ARG B 244 2.70 -32.43 -10.54
CA ARG B 244 3.72 -31.47 -10.90
C ARG B 244 5.02 -31.73 -10.07
N MET B 245 4.82 -32.25 -8.85
CA MET B 245 5.94 -32.55 -7.94
C MET B 245 6.76 -33.71 -8.50
N ALA B 246 6.10 -34.67 -9.13
CA ALA B 246 6.76 -35.83 -9.75
C ALA B 246 7.74 -35.42 -10.85
N GLN B 247 7.48 -34.30 -11.53
CA GLN B 247 8.38 -33.81 -12.56
C GLN B 247 9.70 -33.33 -11.96
N TYR B 248 9.74 -33.17 -10.64
CA TYR B 248 10.94 -32.69 -9.93
C TYR B 248 11.30 -33.66 -8.81
N ALA B 249 10.89 -34.92 -8.93
CA ALA B 249 11.12 -35.90 -7.87
C ALA B 249 12.51 -36.11 -7.38
N GLU B 250 13.51 -35.89 -8.24
CA GLU B 250 14.93 -36.05 -7.87
C GLU B 250 15.33 -34.93 -6.94
N GLU B 251 15.24 -33.71 -7.47
CA GLU B 251 15.52 -32.49 -6.75
C GLU B 251 14.82 -32.50 -5.39
N LEU B 252 13.52 -32.82 -5.41
CA LEU B 252 12.76 -32.81 -4.16
C LEU B 252 13.26 -33.81 -3.15
N TRP B 253 13.68 -34.99 -3.60
CA TRP B 253 14.21 -36.01 -2.67
C TRP B 253 15.55 -35.49 -2.14
N GLU B 254 16.37 -34.88 -3.00
CA GLU B 254 17.63 -34.33 -2.55
C GLU B 254 17.40 -33.34 -1.40
N LEU B 255 16.47 -32.39 -1.59
CA LEU B 255 16.09 -31.38 -0.57
C LEU B 255 15.59 -32.01 0.72
N LEU B 256 14.66 -32.95 0.57
CA LEU B 256 14.09 -33.65 1.72
C LEU B 256 15.13 -34.33 2.61
N LYS B 257 16.31 -34.54 2.04
CA LYS B 257 17.43 -35.15 2.73
C LYS B 257 18.24 -34.15 3.57
N LYS B 258 18.22 -32.88 3.17
CA LYS B 258 18.94 -31.84 3.90
C LYS B 258 18.27 -31.55 5.26
N ASP B 259 18.99 -30.95 6.19
CA ASP B 259 18.45 -30.68 7.53
C ASP B 259 17.70 -29.38 7.72
N ASN B 260 17.96 -28.44 6.83
CA ASN B 260 17.27 -27.17 6.94
C ASN B 260 16.04 -27.06 6.04
N THR B 261 15.51 -28.19 5.53
CA THR B 261 14.31 -28.22 4.65
C THR B 261 13.01 -28.40 5.40
N PHE B 262 12.08 -27.47 5.23
CA PHE B 262 10.79 -27.58 5.93
C PHE B 262 9.66 -27.68 4.88
N VAL B 263 8.72 -28.59 5.11
CA VAL B 263 7.60 -28.76 4.21
C VAL B 263 6.27 -28.34 4.84
N TYR B 264 5.44 -27.64 4.07
CA TYR B 264 4.17 -27.20 4.58
C TYR B 264 3.12 -27.55 3.57
N MET B 265 1.99 -28.07 4.03
CA MET B 265 0.92 -28.43 3.15
C MET B 265 -0.37 -27.79 3.66
N CYS B 266 -1.15 -27.19 2.76
CA CYS B 266 -2.39 -26.56 3.14
C CYS B 266 -3.46 -26.55 2.03
N GLY B 267 -4.70 -26.89 2.44
CA GLY B 267 -5.86 -26.95 1.58
C GLY B 267 -6.72 -28.18 1.83
N LEU B 268 -7.02 -28.88 0.71
CA LEU B 268 -7.85 -30.11 0.65
C LEU B 268 -7.27 -31.29 1.37
N LYS B 269 -8.10 -31.94 2.19
CA LYS B 269 -7.72 -33.11 2.96
C LYS B 269 -7.05 -34.20 2.13
N GLY B 270 -7.44 -34.27 0.86
CA GLY B 270 -6.90 -35.31 -0.03
C GLY B 270 -5.44 -35.31 -0.45
N MET B 271 -4.97 -34.13 -0.84
CA MET B 271 -3.60 -33.97 -1.33
C MET B 271 -2.43 -34.78 -0.70
N GLU B 272 -2.70 -35.47 0.41
CA GLU B 272 -1.66 -36.18 1.15
C GLU B 272 -0.97 -37.48 0.73
N LYS B 273 -1.65 -38.22 -0.14
CA LYS B 273 -1.19 -39.53 -0.63
C LYS B 273 -0.17 -39.60 -1.78
N GLY B 274 -0.45 -38.86 -2.86
CA GLY B 274 0.40 -38.84 -4.04
C GLY B 274 1.87 -38.76 -3.72
N ILE B 275 2.13 -37.99 -2.65
CA ILE B 275 3.49 -37.73 -2.14
C ILE B 275 4.27 -38.98 -1.69
N ASP B 276 3.58 -39.79 -0.91
CA ASP B 276 4.14 -41.02 -0.37
C ASP B 276 4.56 -42.04 -1.45
N ASP B 277 3.71 -42.19 -2.47
CA ASP B 277 3.96 -43.11 -3.60
C ASP B 277 5.18 -42.63 -4.38
N ILE B 278 5.30 -41.30 -4.47
CA ILE B 278 6.42 -40.69 -5.16
C ILE B 278 7.77 -40.93 -4.42
N MET B 279 7.74 -40.57 -3.13
CA MET B 279 8.92 -40.63 -2.27
C MET B 279 9.52 -42.00 -1.95
N VAL B 280 8.68 -42.84 -1.38
CA VAL B 280 9.07 -44.17 -0.97
C VAL B 280 10.32 -44.90 -1.60
N SER B 281 10.32 -45.20 -2.91
CA SER B 281 11.45 -45.92 -3.56
C SER B 281 12.78 -45.19 -3.71
N LEU B 282 12.73 -43.86 -3.77
CA LEU B 282 13.92 -43.01 -3.92
C LEU B 282 14.74 -43.11 -2.64
N ALA B 283 13.99 -43.11 -1.54
CA ALA B 283 14.54 -43.23 -0.20
C ALA B 283 15.08 -44.64 -0.06
N ALA B 284 14.26 -45.63 -0.46
CA ALA B 284 14.62 -47.04 -0.40
C ALA B 284 15.85 -47.14 -1.22
N LYS B 285 15.91 -46.40 -2.34
CA LYS B 285 17.11 -46.44 -3.20
C LYS B 285 18.37 -46.04 -2.42
N ASP B 286 18.16 -45.25 -1.37
CA ASP B 286 19.24 -44.81 -0.49
C ASP B 286 19.23 -45.58 0.83
N GLY B 287 18.40 -46.63 0.91
CA GLY B 287 18.31 -47.46 2.10
C GLY B 287 17.45 -46.80 3.17
N ILE B 288 16.53 -45.97 2.67
CA ILE B 288 15.58 -45.17 3.47
C ILE B 288 14.10 -45.55 3.26
N ASP B 289 13.39 -45.77 4.38
CA ASP B 289 11.95 -46.02 4.34
C ASP B 289 11.29 -44.65 4.44
N TRP B 290 10.64 -44.24 3.37
CA TRP B 290 10.00 -42.96 3.36
C TRP B 290 9.09 -42.73 4.59
N ILE B 291 8.20 -43.66 4.92
CA ILE B 291 7.28 -43.44 6.03
C ILE B 291 7.87 -43.23 7.40
N GLU B 292 8.98 -43.90 7.67
CA GLU B 292 9.64 -43.72 8.93
C GLU B 292 10.37 -42.38 8.88
N TYR B 293 10.79 -41.99 7.67
CA TYR B 293 11.47 -40.69 7.44
C TYR B 293 10.41 -39.61 7.72
N LYS B 294 9.26 -39.72 7.06
CA LYS B 294 8.16 -38.76 7.22
C LYS B 294 7.74 -38.52 8.66
N ARG B 295 7.69 -39.61 9.44
CA ARG B 295 7.30 -39.55 10.85
C ARG B 295 8.31 -38.81 11.65
N THR B 296 9.58 -38.87 11.26
CA THR B 296 10.61 -38.18 12.01
C THR B 296 10.73 -36.71 11.61
N LEU B 297 10.34 -36.43 10.37
CA LEU B 297 10.35 -35.08 9.86
C LEU B 297 9.23 -34.41 10.64
N LYS B 298 8.07 -35.07 10.74
CA LYS B 298 6.94 -34.52 11.49
C LYS B 298 7.36 -34.17 12.90
N LYS B 299 8.06 -35.09 13.53
CA LYS B 299 8.56 -34.92 14.88
C LYS B 299 9.68 -33.86 14.93
N ALA B 300 10.42 -33.71 13.84
CA ALA B 300 11.47 -32.70 13.73
C ALA B 300 10.89 -31.31 13.35
N GLU B 301 9.56 -31.21 13.28
CA GLU B 301 8.88 -29.95 12.93
C GLU B 301 9.15 -29.58 11.48
N GLN B 302 9.42 -30.57 10.64
CA GLN B 302 9.76 -30.35 9.23
C GLN B 302 8.78 -30.92 8.19
N TRP B 303 7.56 -31.16 8.64
CA TRP B 303 6.55 -31.63 7.74
C TRP B 303 5.33 -31.03 8.45
N ASN B 304 4.72 -29.98 7.88
CA ASN B 304 3.59 -29.30 8.52
C ASN B 304 2.31 -29.29 7.72
N VAL B 305 1.20 -29.69 8.32
CA VAL B 305 -0.05 -29.78 7.58
C VAL B 305 -1.30 -29.18 8.21
N GLU B 306 -2.19 -28.65 7.39
CA GLU B 306 -3.42 -28.09 7.86
C GLU B 306 -4.30 -28.19 6.65
N VAL B 307 -5.09 -29.26 6.62
CA VAL B 307 -6.02 -29.53 5.52
C VAL B 307 -7.44 -29.56 6.05
N TRP B 308 -8.38 -29.18 5.20
CA TRP B 308 -9.79 -29.19 5.59
C TRP B 308 -10.67 -29.63 4.41
S SO4 C . -19.43 5.59 9.18
O1 SO4 C . -20.85 5.95 9.26
O2 SO4 C . -18.89 5.10 10.49
O3 SO4 C . -19.40 4.57 8.10
O4 SO4 C . -18.69 6.80 8.83
PA FAD D . -9.79 25.78 12.21
O1A FAD D . -10.24 26.35 10.91
O2A FAD D . -10.76 25.22 13.10
O5B FAD D . -8.97 26.78 12.94
C5B FAD D . -8.00 27.66 12.26
C4B FAD D . -8.08 29.01 12.89
O4B FAD D . -7.48 29.04 14.21
C3B FAD D . -7.33 29.99 12.06
O3B FAD D . -8.24 30.61 11.12
C2B FAD D . -6.78 30.97 13.08
O2B FAD D . -7.76 31.95 13.36
C1B FAD D . -6.59 30.15 14.33
N9A FAD D . -5.19 29.64 14.42
C8A FAD D . -4.55 28.74 13.61
N7A FAD D . -3.34 28.47 14.02
C5A FAD D . -3.11 29.19 15.16
C6A FAD D . -2.02 29.30 16.05
N6A FAD D . -0.83 28.59 15.89
N1A FAD D . -2.16 30.17 17.11
C2A FAD D . -3.35 30.84 17.27
N3A FAD D . -4.46 30.82 16.47
C4A FAD D . -4.28 29.97 15.41
N1 FAD D . -3.06 21.82 5.83
C2 FAD D . -2.51 20.63 6.02
O2 FAD D . -2.32 20.20 7.17
N3 FAD D . -2.14 19.87 4.94
C4 FAD D . -2.31 20.30 3.62
O4 FAD D . -1.99 19.58 2.71
C4X FAD D . -2.91 21.55 3.41
N5 FAD D . -3.04 22.03 2.12
C5X FAD D . -3.78 23.18 1.96
C6 FAD D . -4.06 23.57 0.68
C7 FAD D . -4.74 24.77 0.47
C7M FAD D . -5.05 25.18 -0.95
C8 FAD D . -5.16 25.61 1.57
C8M FAD D . -5.86 26.91 1.35
C9 FAD D . -4.91 25.19 2.85
C9A FAD D . -4.27 23.95 3.08
N10 FAD D . -4.10 23.45 4.36
C10 FAD D . -3.36 22.28 4.55
C1' FAD D . -4.73 24.17 5.50
C2' FAD D . -6.10 23.57 5.87
O2' FAD D . -7.04 23.81 4.84
C3' FAD D . -6.66 24.09 7.22
O3' FAD D . -6.64 25.48 7.29
C4' FAD D . -5.89 23.56 8.40
O4' FAD D . -5.91 22.11 8.36
C5' FAD D . -6.48 24.09 9.72
O5' FAD D . -7.97 23.89 9.72
P FAD D . -8.74 23.40 10.93
O1P FAD D . -10.07 23.17 10.50
O2P FAD D . -8.01 22.37 11.53
O3P FAD D . -8.73 24.65 11.88
PA NAP E . 5.82 23.82 10.46
O1A NAP E . 5.43 24.74 11.57
O2A NAP E . 5.94 22.39 10.90
O5B NAP E . 7.22 24.35 10.13
C5B NAP E . 7.69 24.33 8.81
C4B NAP E . 9.11 24.75 8.84
O4B NAP E . 9.23 26.06 8.23
C3B NAP E . 9.76 24.92 10.25
O3B NAP E . 11.10 24.39 10.19
C2B NAP E . 9.81 26.38 10.49
O2B NAP E . 10.94 26.66 11.36
C1B NAP E . 9.98 26.85 9.12
N9A NAP E . 9.70 28.25 8.91
C8A NAP E . 9.04 29.09 9.72
N7A NAP E . 9.05 30.29 9.15
C5A NAP E . 9.74 30.16 7.99
C6A NAP E . 10.07 31.14 7.05
N6A NAP E . 9.67 32.40 7.19
N1A NAP E . 10.79 30.77 5.95
C2A NAP E . 11.19 29.50 5.82
N3A NAP E . 10.87 28.57 6.75
C4A NAP E . 10.17 28.92 7.86
O3 NAP E . 4.70 23.91 9.18
PN NAP E . 3.17 23.02 8.96
O1N NAP E . 2.67 23.13 10.33
O2N NAP E . 3.36 21.71 8.41
O5D NAP E . 2.25 23.86 8.02
C5D NAP E . 2.58 24.08 6.65
C4D NAP E . 1.85 25.33 6.30
O4D NAP E . 1.72 25.50 4.88
C3D NAP E . 0.44 25.33 6.89
O3D NAP E . 0.20 26.64 7.43
C2D NAP E . -0.49 25.07 5.75
O2D NAP E . -1.66 25.89 5.86
C1D NAP E . 0.31 25.41 4.53
N1N NAP E . 0.05 24.51 3.39
C2N NAP E . -0.50 25.10 2.25
C3N NAP E . -0.76 24.35 1.11
C7N NAP E . -1.35 25.03 -0.08
O7N NAP E . -1.59 26.24 -0.08
N7N NAP E . -1.55 24.26 -1.13
C4N NAP E . -0.48 22.95 1.12
C5N NAP E . 0.07 22.35 2.29
C6N NAP E . 0.33 23.14 3.43
P2B NAP E . 10.69 27.01 12.93
O1X NAP E . 9.59 26.19 13.46
O2X NAP E . 11.86 26.80 13.79
O3X NAP E . 10.38 28.41 12.95
PA FAD F . -21.51 -24.02 5.69
O1A FAD F . -20.96 -24.29 7.06
O2A FAD F . -22.85 -23.32 5.48
O5B FAD F . -21.60 -25.36 4.94
C5B FAD F . -20.59 -26.43 5.02
C4B FAD F . -21.34 -27.76 5.03
O4B FAD F . -22.10 -27.94 3.81
C3B FAD F . -20.44 -28.99 5.18
O3B FAD F . -20.48 -29.45 6.53
C2B FAD F . -21.06 -30.04 4.25
O2B FAD F . -22.05 -30.82 4.96
C1B FAD F . -21.75 -29.20 3.17
N9A FAD F . -20.79 -28.95 2.09
C8A FAD F . -19.57 -28.27 2.15
N7A FAD F . -18.95 -28.24 0.99
C5A FAD F . -19.73 -28.92 0.11
C6A FAD F . -19.61 -29.21 -1.27
N6A FAD F . -18.54 -28.87 -2.00
N1A FAD F . -20.61 -29.95 -1.82
C2A FAD F . -21.70 -30.29 -1.06
N3A FAD F . -21.91 -30.08 0.25
C4A FAD F . -20.91 -29.36 0.80
N1 FAD F . -12.02 -21.67 3.65
C2 FAD F . -11.75 -20.67 2.82
O2 FAD F . -12.56 -20.34 1.95
N3 FAD F . -10.53 -19.95 2.93
C4 FAD F . -9.60 -20.24 3.92
O4 FAD F . -8.56 -19.62 4.00
C4X FAD F . -9.94 -21.28 4.85
N5 FAD F . -9.05 -21.58 5.85
C5X FAD F . -9.44 -22.50 6.78
C6 FAD F . -8.61 -22.74 7.88
C7 FAD F . -8.89 -23.77 8.77
C7M FAD F . -7.93 -24.08 9.90
C8 FAD F . -10.06 -24.55 8.60
C8M FAD F . -10.33 -25.71 9.49
C9 FAD F . -10.98 -24.25 7.58
C9A FAD F . -10.68 -23.23 6.66
N10 FAD F . -11.58 -22.87 5.64
C10 FAD F . -11.19 -21.95 4.70
C1' FAD F . -12.95 -23.44 5.58
C2' FAD F . -13.98 -22.53 6.35
O2' FAD F . -13.74 -22.64 7.75
C3' FAD F . -15.43 -22.90 6.11
O3' FAD F . -15.66 -24.25 6.49
C4' FAD F . -15.82 -22.77 4.68
O4' FAD F . -15.66 -21.43 4.32
C5' FAD F . -17.27 -23.21 4.39
O5' FAD F . -18.22 -22.69 5.49
P FAD F . -19.62 -22.07 5.20
O1P FAD F . -20.09 -21.42 6.43
O2P FAD F . -19.54 -21.27 3.97
O3P FAD F . -20.47 -23.30 4.88
PA NAP G . -10.26 -25.57 -5.68
O1A NAP G . -11.59 -25.59 -6.32
O2A NAP G . -9.53 -24.31 -5.90
O5B NAP G . -9.36 -26.72 -6.29
C5B NAP G . -8.06 -27.01 -5.80
C4B NAP G . -7.48 -28.04 -6.72
O4B NAP G . -6.95 -29.25 -6.18
C3B NAP G . -8.40 -28.43 -7.86
O3B NAP G . -7.71 -28.17 -9.10
C2B NAP G . -8.65 -29.90 -7.67
O2B NAP G . -8.80 -30.51 -8.98
C1B NAP G . -7.40 -30.32 -7.02
N9A NAP G . -7.49 -31.55 -6.24
C8A NAP G . -8.59 -32.25 -5.91
N7A NAP G . -8.20 -33.31 -5.14
C5A NAP G . -6.87 -33.22 -5.04
C6A NAP G . -5.96 -34.06 -4.34
N6A NAP G . -6.36 -35.12 -3.66
N1A NAP G . -4.64 -33.74 -4.39
C2A NAP G . -4.24 -32.67 -5.06
N3A NAP G . -5.11 -31.87 -5.73
C4A NAP G . -6.43 -32.14 -5.70
O3 NAP G . -10.24 -25.60 -3.86
PN NAP G . -10.83 -24.12 -2.81
O1N NAP G . -12.18 -23.83 -3.32
O2N NAP G . -9.94 -22.97 -2.56
O5D NAP G . -10.98 -24.95 -1.48
C5D NAP G . -9.85 -25.43 -0.77
C4D NAP G . -10.43 -26.27 0.31
O4D NAP G . -9.46 -26.54 1.32
C3D NAP G . -11.60 -25.56 0.93
O3D NAP G . -12.78 -26.35 0.79
C2D NAP G . -11.25 -25.33 2.37
O2D NAP G . -12.25 -25.89 3.23
C1D NAP G . -9.93 -26.00 2.59
N1N NAP G . -8.94 -25.06 3.16
C2N NAP G . -8.37 -25.37 4.39
C3N NAP G . -7.42 -24.53 4.98
C7N NAP G . -6.83 -24.89 6.29
O7N NAP G . -7.17 -25.92 6.88
N7N NAP G . -5.92 -24.05 6.78
C4N NAP G . -7.03 -23.34 4.30
C5N NAP G . -7.60 -23.03 3.05
C6N NAP G . -8.56 -23.88 2.48
P2B NAP G . -10.23 -30.94 -9.57
O1X NAP G . -11.27 -29.99 -9.10
O2X NAP G . -10.21 -30.91 -11.05
O3X NAP G . -10.52 -32.29 -9.05
#